data_8SJ4
#
_entry.id   8SJ4
#
_cell.length_a   39.382
_cell.length_b   85.450
_cell.length_c   165.831
_cell.angle_alpha   90.000
_cell.angle_beta   96.170
_cell.angle_gamma   90.000
#
_symmetry.space_group_name_H-M   'P 1 21 1'
#
loop_
_entity.id
_entity.type
_entity.pdbx_description
1 polymer '1H9 heavy chain'
2 polymer '1H9 light chain kappa'
3 polymer '8F3 light chain kappa'
4 polymer '8F3 heavy chain'
5 polymer Conglutin
6 water water
#
loop_
_entity_poly.entity_id
_entity_poly.type
_entity_poly.pdbx_seq_one_letter_code
_entity_poly.pdbx_strand_id
1 'polypeptide(L)'
;QVQLVQSGSELRKPGASVKVSCKASGYTFTKYGMNWVRQAPGQGLEWMGWINTNTAKPTYAQDFTGRFVFSLDTSVNTAY
LEISGLKAEDTAVYYCATDGSEGSWGQGTLVTVSSASTKGPSVFPLAPSSKSTSGGTAALGCLVKDYFPEPVTVSWNSGA
LTSGVHTFPAVLQSSGLYSLSSVVTVPSSSLGTQTYICNVNHKPSNTKVDKKVEPKSC
;
H
2 'polypeptide(L)'
;DIQMTQSPSTLSASVGDRVTITCRASQSIGTWLAWHQQKPGTAPKVLIYKASNLKSGVPSRFSGSGSGTDFTLTISSLQP
DDVATYYCQQYNTYSGTFGQGTRVEIKRTVAAPSVFIFPPSDEQLKSGTASVVCLLNNFYPREAKVQWKVDNALQSGNSQ
ESVTEQDSKDSTYSLSSTLTLSKADYEKHKVYACEVTHQGLSSPVTKSFNRGEC
;
L
3 'polypeptide(L)'
;EIVLTQSPATLSLSPGERATLSCRASPSAGRFLAWYQQRPGQAPRLLIYDASKRATDTPARFSGSGSGTDFNLTIASLEP
EDFAVYYCQHRSNWPLTFGGGTKVEIKRTVAAPSVFIFPPSDEQLKSGTASVVCLLNNFYPREAKVQWKVDNALQSGNSQ
ESVTEQDSKDSTYSLSSTLTLSKADYEKHKVYACEVTHQGLSSPVTKSFNRGEC
;
D
4 'polypeptide(L)'
;QLQLQESGPGLVKPSETLSLTCTVSDASIDTPSYFWSWIRQPPGKGLEWIGSIYYTGNKYSNPSLKSRVTMSVDTPKRQF
SLRLSSVTAADTAVYYCARYVDYVWLRAFDIWGQGTRVTVSSASTKGPSVFPLAPSSKSTSGGTAALGCLVKDYFPEPVT
VSWNSGALTSGVHTFPAVLQSSGLYSLSSVVTVPSSSLGTQTYICNVNHKPSNTKVDKKVEPKSC
;
F
5 'polypeptide(L)'
;MSCERQVDRVNLKPCEQHIMQRIMGEQEQYDSYDIRSTRSSDQQQRCCDELNEMENTQGCMCEALQQIMENQCDRLQDRQ
MVQQFKRELMSLPQQCNFRAPQRCDLDVSGGRCSGSHHHHHH
;
A
#
# COMPACT_ATOMS: atom_id res chain seq x y z
N GLN A 1 17.39 -0.45 -9.00
CA GLN A 1 18.02 -1.62 -8.42
C GLN A 1 17.15 -2.20 -7.31
N VAL A 2 16.51 -3.33 -7.60
CA VAL A 2 15.62 -3.95 -6.64
C VAL A 2 16.43 -4.56 -5.50
N GLN A 3 16.03 -4.24 -4.27
CA GLN A 3 16.74 -4.72 -3.08
C GLN A 3 15.73 -5.10 -2.01
N LEU A 4 15.97 -6.25 -1.38
CA LEU A 4 15.18 -6.72 -0.25
C LEU A 4 16.11 -6.88 0.94
N VAL A 5 15.99 -5.99 1.92
CA VAL A 5 16.85 -5.98 3.10
C VAL A 5 16.03 -6.44 4.28
N GLN A 6 16.48 -7.52 4.92
CA GLN A 6 15.76 -8.11 6.05
C GLN A 6 16.43 -7.76 7.37
N SER A 7 15.69 -7.99 8.45
CA SER A 7 16.22 -7.74 9.79
C SER A 7 17.28 -8.78 10.14
N GLY A 8 18.06 -8.47 11.17
CA GLY A 8 19.20 -9.29 11.54
C GLY A 8 18.81 -10.59 12.21
N SER A 9 19.85 -11.34 12.59
CA SER A 9 19.66 -12.63 13.23
C SER A 9 18.96 -12.47 14.58
N GLU A 10 18.25 -13.51 14.99
CA GLU A 10 17.54 -13.52 16.26
C GLU A 10 17.82 -14.81 17.00
N LEU A 11 17.92 -14.72 18.32
CA LEU A 11 18.01 -15.86 19.20
C LEU A 11 16.81 -15.85 20.13
N ARG A 12 16.08 -16.96 20.18
CA ARG A 12 14.84 -17.02 20.94
C ARG A 12 14.78 -18.33 21.71
N LYS A 13 14.08 -18.30 22.83
CA LYS A 13 13.82 -19.48 23.64
C LYS A 13 12.55 -20.17 23.18
N PRO A 14 12.40 -21.46 23.45
CA PRO A 14 11.19 -22.16 23.04
C PRO A 14 9.94 -21.53 23.64
N GLY A 15 8.88 -21.47 22.82
CA GLY A 15 7.62 -20.88 23.24
C GLY A 15 7.52 -19.38 23.04
N ALA A 16 8.61 -18.72 22.66
CA ALA A 16 8.61 -17.29 22.46
C ALA A 16 8.14 -16.97 21.03
N SER A 17 8.27 -15.71 20.63
CA SER A 17 7.90 -15.28 19.30
C SER A 17 9.05 -14.49 18.68
N VAL A 18 9.09 -14.48 17.35
CA VAL A 18 10.04 -13.70 16.60
C VAL A 18 9.29 -12.96 15.50
N LYS A 19 9.83 -11.81 15.08
CA LYS A 19 9.22 -11.01 14.03
C LYS A 19 10.32 -10.58 13.06
N VAL A 20 10.27 -11.10 11.85
CA VAL A 20 11.27 -10.81 10.82
C VAL A 20 10.70 -9.75 9.88
N SER A 21 11.48 -8.69 9.64
CA SER A 21 11.09 -7.64 8.72
C SER A 21 11.81 -7.81 7.39
N CYS A 22 11.18 -7.32 6.33
CA CYS A 22 11.76 -7.35 4.99
C CYS A 22 11.40 -6.04 4.30
N LYS A 23 12.38 -5.18 4.11
CA LYS A 23 12.16 -3.85 3.54
C LYS A 23 12.51 -3.87 2.05
N ALA A 24 11.61 -3.35 1.23
CA ALA A 24 11.73 -3.38 -0.22
C ALA A 24 12.02 -1.99 -0.76
N SER A 25 12.83 -1.92 -1.81
CA SER A 25 13.17 -0.66 -2.45
C SER A 25 13.55 -0.93 -3.91
N GLY A 26 13.55 0.14 -4.70
CA GLY A 26 13.85 0.04 -6.11
C GLY A 26 12.71 -0.38 -6.99
N TYR A 27 11.51 -0.53 -6.44
CA TYR A 27 10.33 -0.92 -7.22
C TYR A 27 9.09 -0.58 -6.41
N THR A 28 7.94 -0.57 -7.08
CA THR A 28 6.69 -0.28 -6.41
C THR A 28 6.28 -1.46 -5.54
N PHE A 29 6.18 -1.22 -4.23
CA PHE A 29 5.95 -2.29 -3.27
C PHE A 29 4.64 -3.03 -3.53
N THR A 30 3.59 -2.29 -3.91
CA THR A 30 2.27 -2.88 -4.09
C THR A 30 2.09 -3.53 -5.45
N LYS A 31 3.10 -3.48 -6.33
CA LYS A 31 2.95 -4.07 -7.65
C LYS A 31 2.96 -5.60 -7.59
N TYR A 32 3.88 -6.18 -6.83
CA TYR A 32 4.05 -7.61 -6.76
C TYR A 32 3.88 -8.10 -5.32
N GLY A 33 3.29 -9.28 -5.17
CA GLY A 33 3.17 -9.88 -3.87
C GLY A 33 4.51 -10.34 -3.32
N MET A 34 4.57 -10.50 -2.00
CA MET A 34 5.77 -10.89 -1.30
C MET A 34 5.65 -12.35 -0.87
N ASN A 35 6.66 -13.15 -1.22
CA ASN A 35 6.73 -14.54 -0.81
C ASN A 35 7.62 -14.69 0.41
N TRP A 36 7.43 -15.80 1.12
CA TRP A 36 8.26 -16.14 2.27
C TRP A 36 8.76 -17.57 2.12
N VAL A 37 10.06 -17.76 2.31
CA VAL A 37 10.71 -19.06 2.12
C VAL A 37 11.51 -19.38 3.37
N ARG A 38 11.39 -20.63 3.84
CA ARG A 38 12.15 -21.13 4.97
C ARG A 38 13.17 -22.15 4.49
N GLN A 39 14.38 -22.09 5.06
CA GLN A 39 15.43 -23.06 4.76
C GLN A 39 16.05 -23.54 6.07
N ALA A 40 15.69 -24.76 6.47
CA ALA A 40 16.32 -25.39 7.61
C ALA A 40 17.79 -25.69 7.28
N PRO A 41 18.65 -25.77 8.30
CA PRO A 41 20.10 -25.91 8.04
C PRO A 41 20.41 -27.13 7.19
N GLY A 42 21.05 -26.88 6.05
CA GLY A 42 21.47 -27.96 5.17
C GLY A 42 20.38 -28.57 4.33
N GLN A 43 19.17 -28.02 4.37
CA GLN A 43 18.05 -28.54 3.61
C GLN A 43 17.69 -27.58 2.48
N GLY A 44 16.66 -27.94 1.72
CA GLY A 44 16.24 -27.16 0.59
C GLY A 44 15.34 -26.00 1.00
N LEU A 45 14.77 -25.35 0.00
CA LEU A 45 13.90 -24.21 0.21
C LEU A 45 12.45 -24.68 0.27
N GLU A 46 11.74 -24.27 1.33
CA GLU A 46 10.32 -24.54 1.47
C GLU A 46 9.54 -23.24 1.33
N TRP A 47 8.65 -23.21 0.35
CA TRP A 47 7.76 -22.06 0.17
C TRP A 47 6.72 -22.04 1.28
N MET A 48 6.65 -20.92 2.01
CA MET A 48 5.72 -20.81 3.13
C MET A 48 4.38 -20.22 2.75
N GLY A 49 4.33 -19.45 1.67
CA GLY A 49 3.13 -18.76 1.25
C GLY A 49 3.49 -17.38 0.75
N TRP A 50 2.48 -16.54 0.57
CA TRP A 50 2.70 -15.19 0.08
C TRP A 50 1.66 -14.26 0.68
N ILE A 51 1.94 -12.96 0.59
CA ILE A 51 1.02 -11.92 1.02
C ILE A 51 0.77 -10.98 -0.15
N ASN A 52 -0.50 -10.65 -0.38
CA ASN A 52 -0.87 -9.66 -1.38
C ASN A 52 -0.49 -8.28 -0.86
N THR A 53 0.51 -7.65 -1.46
CA THR A 53 0.96 -6.35 -0.99
C THR A 53 -0.03 -5.23 -1.26
N ASN A 54 -1.07 -5.48 -2.05
CA ASN A 54 -2.09 -4.47 -2.31
C ASN A 54 -3.26 -4.59 -1.35
N THR A 55 -3.74 -5.80 -1.08
CA THR A 55 -4.89 -6.01 -0.22
C THR A 55 -4.55 -6.52 1.17
N ALA A 56 -3.29 -6.84 1.43
CA ALA A 56 -2.78 -7.36 2.71
C ALA A 56 -3.27 -8.77 3.02
N LYS A 57 -3.98 -9.40 2.10
CA LYS A 57 -4.50 -10.75 2.36
C LYS A 57 -3.38 -11.77 2.24
N PRO A 58 -3.09 -12.54 3.28
CA PRO A 58 -2.05 -13.56 3.20
C PRO A 58 -2.61 -14.91 2.76
N THR A 59 -1.73 -15.70 2.16
CA THR A 59 -2.03 -17.07 1.77
C THR A 59 -0.91 -17.97 2.28
N TYR A 60 -1.26 -19.05 2.96
CA TYR A 60 -0.29 -19.94 3.59
C TYR A 60 -0.35 -21.33 2.99
N ALA A 61 0.82 -21.92 2.78
CA ALA A 61 0.89 -23.36 2.58
C ALA A 61 0.55 -24.07 3.88
N GLN A 62 0.05 -25.30 3.76
CA GLN A 62 -0.56 -25.98 4.91
C GLN A 62 0.43 -26.13 6.07
N ASP A 63 1.68 -26.45 5.77
CA ASP A 63 2.65 -26.69 6.83
C ASP A 63 2.96 -25.43 7.64
N PHE A 64 2.56 -24.26 7.17
CA PHE A 64 2.84 -22.99 7.84
C PHE A 64 1.57 -22.25 8.22
N THR A 65 0.47 -22.97 8.41
CA THR A 65 -0.75 -22.36 8.90
C THR A 65 -0.71 -22.26 10.43
N GLY A 66 -1.55 -21.36 10.95
CA GLY A 66 -1.69 -21.21 12.39
C GLY A 66 -0.66 -20.32 13.06
N ARG A 67 0.56 -20.83 13.24
CA ARG A 67 1.58 -20.12 14.00
C ARG A 67 2.33 -19.09 13.18
N PHE A 68 2.18 -19.08 11.87
CA PHE A 68 2.88 -18.15 10.98
C PHE A 68 1.87 -17.15 10.43
N VAL A 69 2.18 -15.86 10.59
CA VAL A 69 1.29 -14.80 10.15
C VAL A 69 2.08 -13.79 9.31
N PHE A 70 1.60 -13.49 8.12
CA PHE A 70 2.18 -12.48 7.25
C PHE A 70 1.45 -11.16 7.45
N SER A 71 2.22 -10.07 7.48
CA SER A 71 1.65 -8.73 7.56
C SER A 71 2.61 -7.77 6.89
N LEU A 72 2.17 -6.52 6.75
CA LEU A 72 2.98 -5.54 6.03
C LEU A 72 2.59 -4.13 6.46
N ASP A 73 3.48 -3.20 6.13
CA ASP A 73 3.27 -1.76 6.36
C ASP A 73 3.65 -1.06 5.07
N THR A 74 2.64 -0.76 4.24
CA THR A 74 2.91 -0.21 2.91
C THR A 74 3.59 1.14 2.98
N SER A 75 3.33 1.93 4.03
CA SER A 75 3.93 3.25 4.15
C SER A 75 5.44 3.19 4.28
N VAL A 76 6.00 2.04 4.65
CA VAL A 76 7.43 1.85 4.82
C VAL A 76 8.00 0.84 3.83
N ASN A 77 7.13 0.18 3.05
CA ASN A 77 7.53 -0.81 2.04
C ASN A 77 8.16 -2.04 2.69
N THR A 78 7.58 -2.46 3.82
CA THR A 78 8.10 -3.57 4.60
C THR A 78 7.04 -4.65 4.72
N ALA A 79 7.45 -5.89 4.49
CA ALA A 79 6.64 -7.06 4.83
C ALA A 79 7.19 -7.69 6.09
N TYR A 80 6.29 -8.27 6.89
CA TYR A 80 6.65 -8.85 8.18
C TYR A 80 6.27 -10.32 8.22
N LEU A 81 7.12 -11.10 8.88
CA LEU A 81 6.83 -12.50 9.19
C LEU A 81 6.96 -12.68 10.70
N GLU A 82 5.89 -13.13 11.33
CA GLU A 82 5.86 -13.34 12.77
C GLU A 82 5.55 -14.80 13.06
N ILE A 83 6.42 -15.44 13.83
CA ILE A 83 6.28 -16.85 14.22
C ILE A 83 6.07 -16.90 15.72
N SER A 84 5.04 -17.63 16.15
CA SER A 84 4.71 -17.78 17.55
C SER A 84 4.86 -19.24 17.96
N GLY A 85 4.98 -19.45 19.27
CA GLY A 85 5.14 -20.80 19.81
C GLY A 85 6.37 -21.48 19.27
N LEU A 86 7.50 -20.77 19.29
CA LEU A 86 8.71 -21.25 18.63
C LEU A 86 9.18 -22.58 19.19
N LYS A 87 9.58 -23.48 18.30
CA LYS A 87 10.19 -24.75 18.66
C LYS A 87 11.61 -24.79 18.12
N ALA A 88 12.37 -25.79 18.59
CA ALA A 88 13.74 -25.96 18.13
C ALA A 88 13.80 -26.20 16.63
N GLU A 89 12.85 -26.98 16.11
CA GLU A 89 12.82 -27.28 14.68
C GLU A 89 12.54 -26.05 13.83
N ASP A 90 12.06 -24.96 14.43
CA ASP A 90 11.86 -23.71 13.71
C ASP A 90 13.18 -23.00 13.41
N THR A 91 14.29 -23.46 13.99
CA THR A 91 15.60 -22.89 13.68
C THR A 91 15.90 -23.05 12.20
N ALA A 92 15.97 -21.93 11.48
CA ALA A 92 16.20 -21.94 10.04
C ALA A 92 16.53 -20.51 9.61
N VAL A 93 16.84 -20.37 8.31
CA VAL A 93 16.98 -19.06 7.68
C VAL A 93 15.69 -18.77 6.93
N TYR A 94 15.13 -17.59 7.16
CA TYR A 94 13.87 -17.20 6.55
C TYR A 94 14.12 -16.10 5.54
N TYR A 95 13.64 -16.31 4.31
CA TYR A 95 13.82 -15.37 3.22
C TYR A 95 12.49 -14.75 2.83
N CYS A 96 12.53 -13.49 2.42
CA CYS A 96 11.46 -12.88 1.65
C CYS A 96 11.89 -12.82 0.20
N ALA A 97 10.94 -13.00 -0.71
CA ALA A 97 11.27 -13.08 -2.12
C ALA A 97 10.10 -12.58 -2.96
N THR A 98 10.42 -12.04 -4.13
CA THR A 98 9.45 -11.62 -5.11
C THR A 98 9.70 -12.37 -6.41
N ASP A 99 8.65 -12.50 -7.22
CA ASP A 99 8.74 -13.18 -8.50
C ASP A 99 8.77 -12.17 -9.65
N GLY A 100 9.18 -12.65 -10.82
CA GLY A 100 9.11 -11.86 -12.03
C GLY A 100 10.45 -11.28 -12.45
N SER A 101 10.38 -10.44 -13.47
CA SER A 101 11.58 -9.81 -14.02
C SER A 101 12.28 -8.94 -12.97
N GLU A 102 11.51 -8.31 -12.10
CA GLU A 102 12.06 -7.53 -10.99
C GLU A 102 12.14 -8.34 -9.70
N GLY A 103 11.87 -9.64 -9.76
CA GLY A 103 11.93 -10.45 -8.56
C GLY A 103 13.33 -10.52 -7.98
N SER A 104 13.40 -10.64 -6.67
CA SER A 104 14.66 -10.65 -5.96
C SER A 104 14.54 -11.51 -4.71
N TRP A 105 15.67 -11.73 -4.04
CA TRP A 105 15.74 -12.44 -2.78
C TRP A 105 16.24 -11.51 -1.70
N GLY A 106 15.63 -11.59 -0.52
CA GLY A 106 16.23 -10.99 0.65
C GLY A 106 17.48 -11.75 1.05
N GLN A 107 18.34 -11.07 1.81
CA GLN A 107 19.57 -11.72 2.26
C GLN A 107 19.31 -12.82 3.27
N GLY A 108 18.09 -12.91 3.80
CA GLY A 108 17.74 -13.97 4.74
C GLY A 108 17.92 -13.55 6.18
N THR A 109 17.12 -14.15 7.04
CA THR A 109 17.19 -13.90 8.48
C THR A 109 17.34 -15.24 9.19
N LEU A 110 18.39 -15.37 9.99
CA LEU A 110 18.62 -16.59 10.77
C LEU A 110 17.86 -16.46 12.09
N VAL A 111 16.91 -17.36 12.31
CA VAL A 111 16.19 -17.45 13.58
C VAL A 111 16.66 -18.71 14.28
N THR A 112 17.35 -18.54 15.40
CA THR A 112 17.82 -19.66 16.20
C THR A 112 16.92 -19.81 17.43
N VAL A 113 16.42 -21.01 17.65
CA VAL A 113 15.61 -21.33 18.81
C VAL A 113 16.37 -22.32 19.66
N SER A 114 16.71 -21.92 20.89
CA SER A 114 17.49 -22.77 21.77
C SER A 114 17.27 -22.33 23.21
N SER A 115 17.43 -23.27 24.13
CA SER A 115 17.38 -22.96 25.55
C SER A 115 18.68 -22.35 26.06
N ALA A 116 19.78 -22.54 25.33
CA ALA A 116 21.06 -22.01 25.74
C ALA A 116 21.14 -20.51 25.44
N SER A 117 22.13 -19.86 26.02
CA SER A 117 22.29 -18.41 25.94
C SER A 117 23.57 -18.06 25.17
N THR A 118 23.67 -16.79 24.81
CA THR A 118 24.80 -16.32 24.01
C THR A 118 26.09 -16.40 24.81
N LYS A 119 27.15 -16.86 24.14
CA LYS A 119 28.46 -17.01 24.76
C LYS A 119 29.54 -16.70 23.75
N GLY A 120 30.47 -15.82 24.12
CA GLY A 120 31.56 -15.44 23.25
C GLY A 120 32.59 -16.55 23.11
N PRO A 121 33.29 -16.57 21.99
CA PRO A 121 34.30 -17.61 21.77
C PRO A 121 35.62 -17.31 22.46
N SER A 122 36.40 -18.36 22.62
CA SER A 122 37.81 -18.26 22.98
C SER A 122 38.63 -18.64 21.74
N VAL A 123 39.74 -17.94 21.53
CA VAL A 123 40.55 -18.11 20.34
C VAL A 123 41.94 -18.56 20.75
N PHE A 124 42.39 -19.67 20.17
CA PHE A 124 43.72 -20.23 20.39
C PHE A 124 44.44 -20.37 19.06
N PRO A 125 45.76 -20.24 19.06
CA PRO A 125 46.51 -20.31 17.79
C PRO A 125 46.80 -21.74 17.39
N LEU A 126 46.75 -21.99 16.08
CA LEU A 126 47.26 -23.22 15.49
C LEU A 126 48.63 -22.86 14.92
N ALA A 127 49.65 -22.91 15.79
CA ALA A 127 50.96 -22.41 15.42
C ALA A 127 51.61 -23.31 14.37
N PRO A 128 52.31 -22.74 13.40
CA PRO A 128 53.02 -23.56 12.41
C PRO A 128 54.15 -24.32 13.06
N SER A 129 54.41 -25.53 12.53
CA SER A 129 55.48 -26.35 13.06
C SER A 129 56.84 -25.77 12.70
N SER A 130 57.79 -25.93 13.62
CA SER A 130 59.16 -25.47 13.36
C SER A 130 59.80 -26.23 12.22
N LYS A 131 59.44 -27.51 12.06
CA LYS A 131 59.93 -28.32 10.93
C LYS A 131 59.00 -28.10 9.75
N SER A 132 59.18 -26.96 9.09
CA SER A 132 58.41 -26.58 7.92
C SER A 132 59.26 -26.76 6.66
N THR A 133 58.56 -26.92 5.53
CA THR A 133 59.23 -27.14 4.25
C THR A 133 59.89 -25.84 3.80
N SER A 134 61.21 -25.75 3.96
CA SER A 134 61.94 -24.59 3.48
C SER A 134 61.84 -24.49 1.97
N GLY A 135 61.41 -23.32 1.49
CA GLY A 135 61.08 -23.16 0.09
C GLY A 135 59.72 -23.66 -0.30
N GLY A 136 58.94 -24.18 0.64
CA GLY A 136 57.59 -24.64 0.39
C GLY A 136 56.57 -23.98 1.28
N THR A 137 55.32 -24.41 1.19
CA THR A 137 54.24 -23.80 1.96
C THR A 137 54.24 -24.29 3.40
N ALA A 138 53.75 -23.44 4.29
CA ALA A 138 53.55 -23.77 5.69
C ALA A 138 52.13 -23.39 6.09
N ALA A 139 51.58 -24.12 7.06
CA ALA A 139 50.21 -23.92 7.48
C ALA A 139 50.15 -23.39 8.90
N LEU A 140 49.27 -22.42 9.13
CA LEU A 140 48.98 -21.89 10.45
C LEU A 140 47.50 -21.54 10.50
N GLY A 141 46.98 -21.42 11.70
CA GLY A 141 45.57 -21.12 11.84
C GLY A 141 45.21 -20.66 13.24
N CYS A 142 43.92 -20.69 13.52
CA CYS A 142 43.40 -20.35 14.83
C CYS A 142 42.19 -21.22 15.13
N LEU A 143 41.96 -21.49 16.40
CA LEU A 143 40.84 -22.31 16.84
C LEU A 143 39.84 -21.43 17.58
N VAL A 144 38.64 -21.28 17.00
CA VAL A 144 37.56 -20.51 17.59
C VAL A 144 36.66 -21.51 18.32
N LYS A 145 36.71 -21.50 19.64
CA LYS A 145 36.15 -22.59 20.44
C LYS A 145 35.11 -22.08 21.43
N ASP A 146 34.07 -22.91 21.63
CA ASP A 146 33.10 -22.74 22.71
C ASP A 146 32.35 -21.41 22.61
N TYR A 147 31.62 -21.26 21.51
CA TYR A 147 30.77 -20.09 21.31
C TYR A 147 29.36 -20.53 20.94
N PHE A 148 28.40 -19.63 21.21
CA PHE A 148 27.00 -19.85 20.89
C PHE A 148 26.31 -18.49 20.92
N PRO A 149 25.38 -18.22 20.00
CA PRO A 149 25.03 -19.10 18.88
C PRO A 149 25.96 -18.88 17.69
N GLU A 150 25.53 -19.33 16.53
CA GLU A 150 26.21 -19.01 15.29
C GLU A 150 25.68 -17.69 14.73
N PRO A 151 26.45 -17.02 13.86
CA PRO A 151 27.73 -17.38 13.24
C PRO A 151 28.96 -16.75 13.88
N VAL A 152 30.14 -17.22 13.45
CA VAL A 152 31.41 -16.61 13.76
C VAL A 152 32.10 -16.29 12.44
N THR A 153 32.63 -15.07 12.32
CA THR A 153 33.34 -14.64 11.13
C THR A 153 34.82 -14.55 11.45
N VAL A 154 35.66 -15.09 10.56
CA VAL A 154 37.10 -15.08 10.72
C VAL A 154 37.73 -14.45 9.48
N SER A 155 38.54 -13.43 9.70
CA SER A 155 39.37 -12.85 8.66
C SER A 155 40.82 -12.85 9.12
N TRP A 156 41.73 -12.72 8.17
CA TRP A 156 43.16 -12.76 8.46
C TRP A 156 43.80 -11.44 8.05
N ASN A 157 44.57 -10.85 8.96
CA ASN A 157 45.26 -9.59 8.74
C ASN A 157 44.27 -8.49 8.32
N SER A 158 43.17 -8.38 9.08
CA SER A 158 42.13 -7.39 8.83
C SER A 158 41.59 -7.50 7.42
N GLY A 159 41.47 -8.72 6.92
CA GLY A 159 40.95 -8.98 5.59
C GLY A 159 41.95 -8.81 4.48
N ALA A 160 43.18 -8.40 4.76
CA ALA A 160 44.18 -8.22 3.72
C ALA A 160 44.71 -9.55 3.20
N LEU A 161 44.66 -10.61 3.99
CA LEU A 161 45.12 -11.94 3.60
C LEU A 161 43.90 -12.82 3.34
N THR A 162 43.66 -13.14 2.07
CA THR A 162 42.53 -13.96 1.66
C THR A 162 42.93 -15.20 0.88
N SER A 163 44.01 -15.13 0.10
CA SER A 163 44.43 -16.29 -0.68
C SER A 163 44.98 -17.38 0.24
N GLY A 164 44.51 -18.61 0.02
CA GLY A 164 44.92 -19.73 0.83
C GLY A 164 44.18 -19.88 2.15
N VAL A 165 43.17 -19.06 2.40
CA VAL A 165 42.43 -19.09 3.66
C VAL A 165 41.31 -20.12 3.55
N HIS A 166 41.20 -20.97 4.56
CA HIS A 166 40.10 -21.93 4.66
C HIS A 166 39.48 -21.79 6.04
N THR A 167 38.19 -21.48 6.07
CA THR A 167 37.41 -21.45 7.31
C THR A 167 36.37 -22.55 7.25
N PHE A 168 36.51 -23.53 8.13
CA PHE A 168 35.67 -24.73 8.09
C PHE A 168 34.31 -24.46 8.72
N PRO A 169 33.31 -25.26 8.36
CA PRO A 169 32.02 -25.16 9.05
C PRO A 169 32.17 -25.45 10.53
N ALA A 170 31.40 -24.75 11.34
CA ALA A 170 31.39 -25.01 12.77
C ALA A 170 30.86 -26.41 13.06
N VAL A 171 31.35 -27.01 14.12
CA VAL A 171 30.88 -28.31 14.60
C VAL A 171 30.24 -28.09 15.96
N LEU A 172 29.08 -28.72 16.17
CA LEU A 172 28.39 -28.64 17.44
C LEU A 172 28.99 -29.65 18.40
N GLN A 173 29.79 -29.18 19.35
CA GLN A 173 30.40 -30.06 20.33
C GLN A 173 29.34 -30.60 21.29
N SER A 174 29.69 -31.72 21.95
CA SER A 174 28.76 -32.34 22.87
C SER A 174 28.44 -31.46 24.07
N SER A 175 29.25 -30.43 24.32
CA SER A 175 28.98 -29.46 25.38
C SER A 175 27.82 -28.54 25.04
N GLY A 176 27.34 -28.53 23.80
CA GLY A 176 26.31 -27.62 23.39
C GLY A 176 26.81 -26.32 22.80
N LEU A 177 28.12 -26.17 22.60
CA LEU A 177 28.71 -24.99 22.04
C LEU A 177 29.36 -25.31 20.70
N TYR A 178 29.39 -24.31 19.82
CA TYR A 178 30.01 -24.47 18.51
C TYR A 178 31.51 -24.19 18.59
N SER A 179 32.24 -24.74 17.63
CA SER A 179 33.67 -24.53 17.55
C SER A 179 34.14 -24.81 16.13
N LEU A 180 34.81 -23.83 15.52
CA LEU A 180 35.39 -23.99 14.20
C LEU A 180 36.86 -23.61 14.25
N SER A 181 37.57 -23.96 13.19
CA SER A 181 38.96 -23.55 13.00
C SER A 181 39.11 -22.89 11.65
N SER A 182 40.01 -21.92 11.58
CA SER A 182 40.33 -21.21 10.34
C SER A 182 41.82 -21.33 10.10
N VAL A 183 42.20 -21.73 8.88
CA VAL A 183 43.60 -22.00 8.56
C VAL A 183 43.96 -21.27 7.28
N VAL A 184 45.27 -21.09 7.09
CA VAL A 184 45.80 -20.43 5.90
C VAL A 184 47.21 -20.96 5.65
N THR A 185 47.52 -21.20 4.38
CA THR A 185 48.82 -21.71 3.98
C THR A 185 49.66 -20.56 3.44
N VAL A 186 50.86 -20.40 3.99
CA VAL A 186 51.70 -19.24 3.71
C VAL A 186 53.10 -19.74 3.37
N PRO A 187 53.91 -18.91 2.69
CA PRO A 187 55.31 -19.28 2.47
C PRO A 187 56.05 -19.51 3.78
N SER A 188 56.89 -20.55 3.79
CA SER A 188 57.62 -20.88 5.00
C SER A 188 58.58 -19.75 5.41
N SER A 189 59.25 -19.14 4.43
CA SER A 189 60.17 -18.06 4.71
C SER A 189 59.46 -16.82 5.25
N SER A 190 58.15 -16.69 5.02
CA SER A 190 57.42 -15.52 5.49
C SER A 190 57.22 -15.54 7.00
N LEU A 191 57.31 -16.70 7.65
CA LEU A 191 57.15 -16.78 9.09
C LEU A 191 58.27 -16.03 9.80
N GLY A 192 57.95 -15.50 10.98
CA GLY A 192 58.91 -14.71 11.73
C GLY A 192 58.98 -13.28 11.25
N THR A 193 59.26 -13.09 9.96
CA THR A 193 59.30 -11.74 9.39
C THR A 193 57.92 -11.13 9.26
N GLN A 194 56.89 -11.95 9.01
CA GLN A 194 55.53 -11.48 8.81
C GLN A 194 54.66 -11.97 9.96
N THR A 195 53.72 -11.13 10.40
CA THR A 195 52.83 -11.43 11.51
C THR A 195 51.43 -11.73 10.98
N TYR A 196 50.93 -12.92 11.30
CA TYR A 196 49.61 -13.34 10.87
C TYR A 196 48.65 -13.23 12.06
N ILE A 197 47.57 -12.49 11.87
CA ILE A 197 46.58 -12.22 12.91
C ILE A 197 45.23 -12.69 12.41
N CYS A 198 44.51 -13.43 13.24
CA CYS A 198 43.14 -13.85 12.94
C CYS A 198 42.17 -12.88 13.60
N ASN A 199 41.19 -12.41 12.84
CA ASN A 199 40.19 -11.47 13.33
C ASN A 199 38.89 -12.23 13.49
N VAL A 200 38.54 -12.57 14.73
CA VAL A 200 37.35 -13.35 15.04
C VAL A 200 36.26 -12.39 15.50
N ASN A 201 35.11 -12.44 14.84
CA ASN A 201 33.96 -11.61 15.20
C ASN A 201 32.77 -12.50 15.50
N HIS A 202 32.16 -12.31 16.66
CA HIS A 202 30.96 -13.01 17.07
C HIS A 202 29.92 -11.94 17.40
N LYS A 203 29.16 -11.53 16.38
CA LYS A 203 28.17 -10.48 16.56
C LYS A 203 27.15 -10.76 17.65
N PRO A 204 26.62 -11.99 17.82
CA PRO A 204 25.60 -12.18 18.87
C PRO A 204 26.04 -11.76 20.26
N SER A 205 27.29 -12.01 20.62
CA SER A 205 27.85 -11.53 21.88
C SER A 205 28.64 -10.24 21.72
N ASN A 206 28.79 -9.75 20.48
CA ASN A 206 29.51 -8.52 20.20
C ASN A 206 30.93 -8.56 20.74
N THR A 207 31.62 -9.68 20.51
CA THR A 207 33.01 -9.84 20.87
C THR A 207 33.86 -9.87 19.61
N LYS A 208 34.89 -9.04 19.58
CA LYS A 208 35.93 -9.07 18.56
C LYS A 208 37.23 -9.48 19.21
N VAL A 209 37.85 -10.54 18.69
CA VAL A 209 39.12 -11.04 19.21
C VAL A 209 40.12 -11.08 18.06
N ASP A 210 41.27 -10.45 18.26
CA ASP A 210 42.39 -10.52 17.34
C ASP A 210 43.49 -11.32 18.01
N LYS A 211 43.91 -12.41 17.38
CA LYS A 211 44.90 -13.31 17.94
C LYS A 211 46.09 -13.42 16.98
N LYS A 212 47.28 -13.10 17.49
CA LYS A 212 48.50 -13.28 16.73
C LYS A 212 48.88 -14.75 16.74
N VAL A 213 49.17 -15.29 15.56
CA VAL A 213 49.55 -16.70 15.41
C VAL A 213 51.00 -16.73 14.96
N GLU A 214 51.88 -17.12 15.87
CA GLU A 214 53.32 -17.16 15.61
C GLU A 214 53.90 -18.45 16.12
N PRO A 215 55.01 -18.94 15.54
CA PRO A 215 55.68 -20.14 16.02
C PRO A 215 56.29 -19.95 17.40
N ASP B 1 -2.84 -29.99 -6.16
CA ASP B 1 -1.45 -30.19 -5.77
C ASP B 1 -0.58 -30.53 -6.97
N ILE B 2 0.44 -29.70 -7.20
CA ILE B 2 1.37 -29.88 -8.31
C ILE B 2 2.73 -30.27 -7.73
N GLN B 3 3.28 -31.38 -8.22
CA GLN B 3 4.55 -31.89 -7.73
C GLN B 3 5.69 -31.45 -8.64
N MET B 4 6.80 -31.04 -8.03
CA MET B 4 7.98 -30.56 -8.73
C MET B 4 9.09 -31.59 -8.58
N THR B 5 9.33 -32.37 -9.63
CA THR B 5 10.34 -33.41 -9.62
C THR B 5 11.59 -32.90 -10.34
N GLN B 6 12.61 -32.52 -9.57
CA GLN B 6 13.91 -32.11 -10.15
C GLN B 6 14.71 -33.38 -10.36
N SER B 7 15.14 -33.62 -11.59
CA SER B 7 15.72 -34.95 -11.92
C SER B 7 17.13 -35.21 -11.39
N PRO B 8 18.19 -34.47 -11.73
CA PRO B 8 19.46 -34.82 -11.15
C PRO B 8 19.45 -34.31 -9.69
N SER B 9 19.51 -35.18 -8.70
CA SER B 9 19.59 -34.75 -7.27
C SER B 9 21.01 -34.25 -7.05
N THR B 10 21.96 -35.00 -7.57
CA THR B 10 23.37 -34.62 -7.52
C THR B 10 23.97 -34.85 -8.89
N LEU B 11 25.04 -34.11 -9.19
CA LEU B 11 25.61 -34.10 -10.53
C LEU B 11 27.09 -33.73 -10.44
N SER B 12 27.94 -34.54 -11.06
CA SER B 12 29.36 -34.26 -11.17
C SER B 12 29.73 -34.18 -12.65
N ALA B 13 30.52 -33.16 -12.99
CA ALA B 13 30.91 -32.92 -14.37
C ALA B 13 32.24 -32.19 -14.39
N SER B 14 32.86 -32.19 -15.56
CA SER B 14 34.17 -31.55 -15.73
C SER B 14 33.99 -30.07 -16.12
N VAL B 15 35.08 -29.31 -15.95
CA VAL B 15 35.08 -27.91 -16.34
C VAL B 15 34.92 -27.81 -17.85
N GLY B 16 34.03 -26.92 -18.29
CA GLY B 16 33.74 -26.77 -19.69
C GLY B 16 32.72 -27.75 -20.24
N ASP B 17 32.17 -28.62 -19.41
CA ASP B 17 31.18 -29.58 -19.85
C ASP B 17 29.80 -28.93 -19.91
N ARG B 18 28.94 -29.49 -20.76
CA ARG B 18 27.55 -29.07 -20.81
C ARG B 18 26.76 -29.80 -19.73
N VAL B 19 25.99 -29.05 -18.95
CA VAL B 19 25.26 -29.59 -17.81
C VAL B 19 23.80 -29.22 -17.97
N THR B 20 22.92 -30.22 -17.84
CA THR B 20 21.48 -30.04 -18.00
C THR B 20 20.77 -30.53 -16.75
N ILE B 21 19.96 -29.66 -16.16
CA ILE B 21 19.12 -29.99 -15.01
C ILE B 21 17.67 -29.90 -15.44
N THR B 22 16.89 -30.94 -15.14
CA THR B 22 15.53 -31.07 -15.61
C THR B 22 14.55 -30.98 -14.44
N CYS B 23 13.51 -30.17 -14.62
CA CYS B 23 12.38 -30.10 -13.71
C CYS B 23 11.14 -30.55 -14.47
N ARG B 24 10.39 -31.48 -13.87
CA ARG B 24 9.18 -32.03 -14.50
C ARG B 24 8.03 -31.91 -13.52
N ALA B 25 6.93 -31.30 -13.99
CA ALA B 25 5.78 -31.04 -13.16
C ALA B 25 4.72 -32.11 -13.36
N SER B 26 4.02 -32.46 -12.27
CA SER B 26 2.96 -33.47 -12.35
C SER B 26 1.84 -33.03 -13.27
N GLN B 27 1.63 -31.72 -13.40
CA GLN B 27 0.65 -31.19 -14.34
C GLN B 27 1.16 -29.84 -14.82
N SER B 28 0.55 -29.36 -15.90
CA SER B 28 1.08 -28.19 -16.61
C SER B 28 1.11 -26.96 -15.70
N ILE B 29 2.24 -26.26 -15.70
CA ILE B 29 2.36 -24.97 -15.06
C ILE B 29 2.63 -23.85 -16.05
N GLY B 30 2.88 -24.18 -17.32
CA GLY B 30 2.86 -23.22 -18.41
C GLY B 30 3.69 -21.97 -18.22
N THR B 31 5.02 -22.10 -18.26
CA THR B 31 5.97 -20.99 -18.25
C THR B 31 6.08 -20.33 -16.88
N TRP B 32 5.27 -20.75 -15.90
CA TRP B 32 5.36 -20.19 -14.54
C TRP B 32 6.42 -20.94 -13.72
N LEU B 33 7.66 -20.91 -14.21
CA LEU B 33 8.75 -21.61 -13.54
C LEU B 33 9.99 -20.73 -13.52
N ALA B 34 10.74 -20.82 -12.42
CA ALA B 34 11.97 -20.07 -12.24
C ALA B 34 13.08 -21.01 -11.81
N TRP B 35 14.32 -20.60 -12.10
CA TRP B 35 15.51 -21.33 -11.70
C TRP B 35 16.34 -20.47 -10.76
N HIS B 36 16.73 -21.05 -9.62
CA HIS B 36 17.51 -20.34 -8.61
C HIS B 36 18.84 -21.04 -8.40
N GLN B 37 19.84 -20.26 -8.00
CA GLN B 37 21.15 -20.78 -7.66
C GLN B 37 21.51 -20.34 -6.24
N GLN B 38 21.90 -21.30 -5.41
CA GLN B 38 22.31 -21.01 -4.05
C GLN B 38 23.65 -21.69 -3.78
N LYS B 39 24.62 -20.90 -3.31
CA LYS B 39 25.88 -21.40 -2.80
C LYS B 39 25.84 -21.43 -1.28
N PRO B 40 26.53 -22.38 -0.66
CA PRO B 40 26.40 -22.54 0.80
C PRO B 40 26.80 -21.27 1.55
N GLY B 41 26.03 -20.96 2.59
CA GLY B 41 26.24 -19.78 3.38
C GLY B 41 25.64 -18.51 2.82
N THR B 42 25.17 -18.51 1.58
CA THR B 42 24.68 -17.31 0.91
C THR B 42 23.24 -17.50 0.45
N ALA B 43 22.56 -16.38 0.25
CA ALA B 43 21.17 -16.41 -0.18
C ALA B 43 21.06 -16.88 -1.63
N PRO B 44 19.91 -17.43 -2.02
CA PRO B 44 19.74 -17.83 -3.42
C PRO B 44 19.68 -16.63 -4.35
N LYS B 45 20.07 -16.86 -5.60
CA LYS B 45 19.98 -15.85 -6.64
C LYS B 45 19.14 -16.41 -7.79
N VAL B 46 18.26 -15.57 -8.33
CA VAL B 46 17.41 -15.97 -9.45
C VAL B 46 18.24 -16.01 -10.72
N LEU B 47 18.15 -17.12 -11.45
CA LEU B 47 18.82 -17.27 -12.74
C LEU B 47 17.86 -17.05 -13.90
N ILE B 48 16.68 -17.67 -13.83
CA ILE B 48 15.73 -17.68 -14.93
C ILE B 48 14.34 -17.39 -14.38
N TYR B 49 13.59 -16.54 -15.08
CA TYR B 49 12.18 -16.34 -14.80
C TYR B 49 11.39 -16.55 -16.08
N LYS B 50 10.13 -16.94 -15.94
CA LYS B 50 9.27 -17.31 -17.07
C LYS B 50 9.92 -18.42 -17.90
N ALA B 51 10.73 -19.25 -17.24
CA ALA B 51 11.23 -20.52 -17.74
C ALA B 51 12.26 -20.37 -18.87
N SER B 52 12.40 -19.16 -19.42
CA SER B 52 13.40 -18.95 -20.47
C SER B 52 14.09 -17.60 -20.43
N ASN B 53 13.74 -16.70 -19.52
CA ASN B 53 14.26 -15.34 -19.53
C ASN B 53 15.42 -15.23 -18.55
N LEU B 54 16.59 -14.85 -19.06
CA LEU B 54 17.75 -14.64 -18.22
C LEU B 54 17.57 -13.39 -17.37
N LYS B 55 17.89 -13.50 -16.09
CA LYS B 55 17.94 -12.32 -15.24
C LYS B 55 19.21 -11.52 -15.51
N SER B 56 19.17 -10.25 -15.15
CA SER B 56 20.34 -9.39 -15.34
C SER B 56 21.49 -9.84 -14.47
N GLY B 57 22.70 -9.80 -15.01
CA GLY B 57 23.89 -10.19 -14.29
C GLY B 57 24.21 -11.68 -14.34
N VAL B 58 23.36 -12.49 -14.97
CA VAL B 58 23.58 -13.92 -15.05
C VAL B 58 24.46 -14.21 -16.27
N PRO B 59 25.50 -15.03 -16.14
CA PRO B 59 26.35 -15.34 -17.30
C PRO B 59 25.55 -16.00 -18.42
N SER B 60 25.94 -15.69 -19.65
CA SER B 60 25.19 -16.13 -20.82
C SER B 60 25.23 -17.63 -21.02
N ARG B 61 26.16 -18.34 -20.37
CA ARG B 61 26.18 -19.79 -20.49
C ARG B 61 25.00 -20.45 -19.80
N PHE B 62 24.32 -19.73 -18.92
CA PHE B 62 23.08 -20.23 -18.33
C PHE B 62 21.93 -20.05 -19.30
N SER B 63 21.03 -21.02 -19.33
CA SER B 63 19.94 -21.01 -20.31
C SER B 63 18.77 -21.81 -19.77
N GLY B 64 17.56 -21.33 -20.04
CA GLY B 64 16.35 -22.02 -19.63
C GLY B 64 15.42 -22.19 -20.81
N SER B 65 14.64 -23.27 -20.76
CA SER B 65 13.70 -23.58 -21.83
C SER B 65 12.59 -24.47 -21.29
N GLY B 66 11.52 -24.59 -22.06
CA GLY B 66 10.44 -25.50 -21.76
C GLY B 66 9.15 -24.76 -21.41
N SER B 67 8.05 -25.50 -21.48
CA SER B 67 6.75 -25.02 -21.05
C SER B 67 5.86 -26.21 -20.75
N GLY B 68 4.78 -25.94 -20.02
CA GLY B 68 3.85 -27.01 -19.67
C GLY B 68 4.31 -27.77 -18.44
N THR B 69 4.88 -28.96 -18.66
CA THR B 69 5.37 -29.79 -17.57
C THR B 69 6.87 -30.00 -17.57
N ASP B 70 7.55 -29.79 -18.70
CA ASP B 70 8.96 -30.13 -18.84
C ASP B 70 9.79 -28.86 -18.98
N PHE B 71 10.76 -28.70 -18.09
CA PHE B 71 11.65 -27.55 -18.08
C PHE B 71 13.08 -28.02 -17.85
N THR B 72 14.03 -27.36 -18.49
CA THR B 72 15.44 -27.68 -18.33
C THR B 72 16.24 -26.41 -18.10
N LEU B 73 17.24 -26.51 -17.23
CA LEU B 73 18.26 -25.47 -17.05
C LEU B 73 19.57 -26.01 -17.58
N THR B 74 20.22 -25.24 -18.45
CA THR B 74 21.41 -25.68 -19.14
C THR B 74 22.57 -24.74 -18.85
N ILE B 75 23.74 -25.32 -18.55
CA ILE B 75 24.99 -24.59 -18.43
C ILE B 75 25.85 -25.01 -19.61
N SER B 76 26.05 -24.09 -20.56
CA SER B 76 26.70 -24.45 -21.82
C SER B 76 28.13 -24.89 -21.61
N SER B 77 28.86 -24.22 -20.71
CA SER B 77 30.24 -24.57 -20.41
C SER B 77 30.43 -24.41 -18.90
N LEU B 78 30.43 -25.54 -18.20
CA LEU B 78 30.51 -25.51 -16.73
C LEU B 78 31.85 -24.92 -16.28
N GLN B 79 31.76 -23.94 -15.38
CA GLN B 79 32.92 -23.27 -14.80
C GLN B 79 33.07 -23.68 -13.35
N PRO B 80 34.29 -23.60 -12.79
CA PRO B 80 34.49 -24.01 -11.40
C PRO B 80 33.65 -23.23 -10.39
N ASP B 81 33.29 -21.99 -10.69
CA ASP B 81 32.49 -21.19 -9.78
C ASP B 81 30.99 -21.43 -9.95
N ASP B 82 30.60 -22.37 -10.79
CA ASP B 82 29.22 -22.80 -10.92
C ASP B 82 28.85 -23.87 -9.90
N VAL B 83 29.77 -24.23 -9.01
CA VAL B 83 29.49 -25.19 -7.95
C VAL B 83 28.46 -24.58 -7.00
N ALA B 84 27.26 -25.14 -6.97
CA ALA B 84 26.17 -24.66 -6.15
C ALA B 84 25.05 -25.69 -6.19
N THR B 85 23.94 -25.36 -5.53
CA THR B 85 22.71 -26.14 -5.62
C THR B 85 21.68 -25.34 -6.41
N TYR B 86 21.03 -25.99 -7.35
CA TYR B 86 20.09 -25.35 -8.25
C TYR B 86 18.68 -25.85 -7.97
N TYR B 87 17.72 -24.91 -7.95
CA TYR B 87 16.34 -25.20 -7.63
C TYR B 87 15.43 -24.68 -8.73
N CYS B 88 14.52 -25.51 -9.20
CA CYS B 88 13.38 -24.99 -9.94
C CYS B 88 12.31 -24.55 -8.96
N GLN B 89 11.42 -23.67 -9.44
CA GLN B 89 10.34 -23.19 -8.58
C GLN B 89 9.17 -22.74 -9.44
N GLN B 90 8.01 -23.34 -9.22
CA GLN B 90 6.78 -22.84 -9.82
C GLN B 90 6.33 -21.60 -9.05
N TYR B 91 5.79 -20.62 -9.76
CA TYR B 91 5.21 -19.44 -9.13
C TYR B 91 3.89 -19.08 -9.79
N ASN B 92 3.03 -20.08 -9.97
CA ASN B 92 1.69 -19.86 -10.51
C ASN B 92 0.77 -19.36 -9.39
N THR B 93 -0.53 -19.27 -9.71
CA THR B 93 -1.50 -18.78 -8.73
C THR B 93 -1.60 -19.70 -7.52
N TYR B 94 -1.60 -21.02 -7.76
CA TYR B 94 -1.91 -21.98 -6.71
C TYR B 94 -0.75 -22.16 -5.73
N SER B 95 0.49 -22.16 -6.22
CA SER B 95 1.59 -22.66 -5.42
C SER B 95 2.88 -21.95 -5.78
N GLY B 96 3.86 -22.03 -4.88
CA GLY B 96 5.18 -21.48 -5.10
C GLY B 96 6.29 -22.43 -4.68
N THR B 97 5.98 -23.72 -4.59
CA THR B 97 6.92 -24.69 -4.04
C THR B 97 8.13 -24.88 -4.94
N PHE B 98 9.24 -25.28 -4.32
CA PHE B 98 10.50 -25.49 -5.00
C PHE B 98 10.70 -26.96 -5.34
N GLY B 99 11.65 -27.20 -6.25
CA GLY B 99 12.13 -28.54 -6.47
C GLY B 99 13.05 -28.99 -5.34
N GLN B 100 13.43 -30.27 -5.39
CA GLN B 100 14.25 -30.82 -4.33
C GLN B 100 15.70 -30.35 -4.41
N GLY B 101 16.12 -29.81 -5.54
CA GLY B 101 17.45 -29.26 -5.65
C GLY B 101 18.42 -30.18 -6.38
N THR B 102 19.40 -29.58 -7.04
CA THR B 102 20.44 -30.29 -7.76
C THR B 102 21.79 -29.77 -7.30
N ARG B 103 22.57 -30.61 -6.63
CA ARG B 103 23.91 -30.25 -6.19
C ARG B 103 24.89 -30.50 -7.33
N VAL B 104 25.65 -29.48 -7.69
CA VAL B 104 26.60 -29.54 -8.80
C VAL B 104 28.01 -29.48 -8.23
N GLU B 105 28.82 -30.47 -8.59
CA GLU B 105 30.22 -30.51 -8.22
C GLU B 105 31.07 -30.69 -9.47
N ILE B 106 32.34 -30.31 -9.37
CA ILE B 106 33.26 -30.34 -10.49
C ILE B 106 34.12 -31.60 -10.40
N LYS B 107 34.22 -32.33 -11.51
CA LYS B 107 35.16 -33.44 -11.63
C LYS B 107 36.49 -32.89 -12.14
N ARG B 108 37.56 -33.13 -11.38
CA ARG B 108 38.88 -32.65 -11.74
C ARG B 108 39.88 -33.76 -11.48
N THR B 109 41.16 -33.47 -11.75
CA THR B 109 42.21 -34.45 -11.55
C THR B 109 42.45 -34.70 -10.07
N VAL B 110 43.01 -35.87 -9.77
CA VAL B 110 43.26 -36.26 -8.38
C VAL B 110 44.38 -35.40 -7.82
N ALA B 111 44.16 -34.84 -6.63
CA ALA B 111 45.16 -34.04 -5.92
C ALA B 111 45.33 -34.62 -4.53
N ALA B 112 46.57 -34.99 -4.20
CA ALA B 112 46.84 -35.52 -2.87
C ALA B 112 46.69 -34.43 -1.81
N PRO B 113 46.22 -34.80 -0.62
CA PRO B 113 46.13 -33.81 0.45
C PRO B 113 47.50 -33.47 1.02
N SER B 114 47.64 -32.23 1.46
CA SER B 114 48.78 -31.80 2.26
C SER B 114 48.35 -31.84 3.73
N VAL B 115 49.12 -32.56 4.54
CA VAL B 115 48.72 -32.88 5.91
C VAL B 115 49.53 -32.02 6.88
N PHE B 116 48.85 -31.45 7.87
CA PHE B 116 49.48 -30.70 8.94
C PHE B 116 48.86 -31.10 10.26
N ILE B 117 49.68 -31.14 11.31
CA ILE B 117 49.24 -31.45 12.66
C ILE B 117 49.60 -30.28 13.56
N PHE B 118 48.64 -29.85 14.39
CA PHE B 118 48.83 -28.72 15.28
C PHE B 118 48.71 -29.17 16.73
N PRO B 119 49.74 -29.02 17.55
CA PRO B 119 49.63 -29.38 18.97
C PRO B 119 48.74 -28.39 19.69
N PRO B 120 48.23 -28.76 20.88
CA PRO B 120 47.45 -27.80 21.67
C PRO B 120 48.30 -26.60 22.07
N SER B 121 47.65 -25.44 22.10
CA SER B 121 48.32 -24.23 22.54
C SER B 121 48.50 -24.22 24.05
N ASP B 122 49.52 -23.49 24.51
CA ASP B 122 49.76 -23.38 25.94
C ASP B 122 48.59 -22.71 26.64
N GLU B 123 47.96 -21.73 25.98
CA GLU B 123 46.82 -21.04 26.57
C GLU B 123 45.66 -21.99 26.84
N GLN B 124 45.37 -22.88 25.89
CA GLN B 124 44.25 -23.80 26.06
C GLN B 124 44.53 -24.83 27.14
N LEU B 125 45.78 -25.29 27.24
CA LEU B 125 46.11 -26.28 28.26
C LEU B 125 45.89 -25.75 29.68
N LYS B 126 46.02 -24.44 29.85
CA LYS B 126 45.70 -23.83 31.15
C LYS B 126 44.22 -23.95 31.49
N SER B 127 43.37 -24.20 30.49
CA SER B 127 41.93 -24.36 30.70
C SER B 127 41.52 -25.79 30.97
N GLY B 128 42.47 -26.73 31.00
CA GLY B 128 42.16 -28.11 31.27
C GLY B 128 41.71 -28.93 30.08
N THR B 129 41.78 -28.38 28.88
CA THR B 129 41.38 -29.09 27.66
C THR B 129 42.49 -28.99 26.64
N ALA B 130 42.74 -30.10 25.95
CA ALA B 130 43.72 -30.15 24.85
C ALA B 130 42.99 -30.47 23.56
N SER B 131 43.19 -29.62 22.56
CA SER B 131 42.63 -29.82 21.22
C SER B 131 43.78 -30.03 20.24
N VAL B 132 43.81 -31.19 19.59
CA VAL B 132 44.79 -31.51 18.57
C VAL B 132 44.09 -31.46 17.23
N VAL B 133 44.63 -30.69 16.30
CA VAL B 133 43.98 -30.40 15.03
C VAL B 133 44.82 -30.96 13.90
N CYS B 134 44.19 -31.73 13.01
CA CYS B 134 44.82 -32.24 11.81
C CYS B 134 44.17 -31.60 10.59
N LEU B 135 44.98 -31.07 9.69
CA LEU B 135 44.51 -30.34 8.52
C LEU B 135 44.86 -31.10 7.25
N LEU B 136 43.85 -31.32 6.40
CA LEU B 136 44.03 -31.83 5.05
C LEU B 136 43.69 -30.70 4.09
N ASN B 137 44.64 -30.33 3.25
CA ASN B 137 44.51 -29.13 2.42
C ASN B 137 44.52 -29.50 0.95
N ASN B 138 43.48 -29.05 0.24
CA ASN B 138 43.44 -29.03 -1.24
C ASN B 138 43.64 -30.43 -1.82
N PHE B 139 42.66 -31.29 -1.55
CA PHE B 139 42.64 -32.64 -2.08
C PHE B 139 41.39 -32.88 -2.92
N TYR B 140 41.48 -33.83 -3.84
CA TYR B 140 40.35 -34.28 -4.63
C TYR B 140 40.61 -35.73 -5.01
N PRO B 141 39.61 -36.63 -4.92
CA PRO B 141 38.22 -36.37 -4.54
C PRO B 141 37.99 -36.13 -3.05
N ARG B 142 36.73 -35.96 -2.67
CA ARG B 142 36.37 -35.59 -1.31
C ARG B 142 36.67 -36.71 -0.31
N GLU B 143 36.55 -37.96 -0.73
CA GLU B 143 36.71 -39.10 0.16
C GLU B 143 38.10 -39.17 0.76
N ALA B 144 38.21 -38.94 2.06
CA ALA B 144 39.48 -39.01 2.78
C ALA B 144 39.26 -39.65 4.14
N LYS B 145 40.31 -40.29 4.65
CA LYS B 145 40.26 -40.96 5.94
C LYS B 145 41.34 -40.40 6.85
N VAL B 146 40.96 -40.08 8.09
CA VAL B 146 41.89 -39.57 9.09
C VAL B 146 41.78 -40.47 10.32
N GLN B 147 42.91 -41.01 10.75
CA GLN B 147 42.98 -41.87 11.93
C GLN B 147 43.86 -41.20 12.98
N TRP B 148 43.35 -41.10 14.19
CA TRP B 148 44.09 -40.52 15.30
C TRP B 148 44.78 -41.62 16.09
N LYS B 149 46.09 -41.50 16.26
CA LYS B 149 46.89 -42.48 16.97
C LYS B 149 47.66 -41.78 18.08
N VAL B 150 47.36 -42.13 19.32
CA VAL B 150 48.03 -41.59 20.49
C VAL B 150 48.85 -42.71 21.11
N ASP B 151 50.18 -42.58 21.05
CA ASP B 151 51.10 -43.63 21.45
C ASP B 151 50.77 -44.94 20.71
N ASN B 152 50.51 -44.81 19.40
CA ASN B 152 50.19 -45.93 18.52
C ASN B 152 48.92 -46.66 18.97
N ALA B 153 48.00 -45.95 19.60
CA ALA B 153 46.71 -46.50 19.99
C ALA B 153 45.62 -45.80 19.19
N LEU B 154 44.79 -46.58 18.51
CA LEU B 154 43.71 -46.01 17.71
C LEU B 154 42.70 -45.31 18.61
N GLN B 155 42.27 -44.13 18.19
CA GLN B 155 41.29 -43.34 18.93
C GLN B 155 39.92 -43.49 18.31
N SER B 156 38.90 -43.62 19.17
CA SER B 156 37.52 -43.77 18.74
C SER B 156 36.63 -42.83 19.54
N GLY B 157 35.86 -42.01 18.83
CA GLY B 157 34.94 -41.08 19.47
C GLY B 157 35.58 -39.84 20.04
N ASN B 158 36.88 -39.66 19.87
CA ASN B 158 37.59 -38.51 20.43
C ASN B 158 37.76 -37.38 19.41
N SER B 159 37.25 -37.52 18.19
CA SER B 159 37.52 -36.58 17.12
C SER B 159 36.23 -36.18 16.42
N GLN B 160 36.23 -34.95 15.90
CA GLN B 160 35.14 -34.42 15.09
C GLN B 160 35.72 -33.88 13.80
N GLU B 161 35.02 -34.14 12.69
CA GLU B 161 35.49 -33.77 11.37
C GLU B 161 34.69 -32.57 10.83
N SER B 162 35.28 -31.92 9.83
CA SER B 162 34.67 -30.76 9.20
C SER B 162 35.29 -30.58 7.82
N VAL B 163 34.46 -30.51 6.79
CA VAL B 163 34.92 -30.43 5.41
C VAL B 163 34.47 -29.09 4.82
N THR B 164 35.39 -28.40 4.17
CA THR B 164 35.08 -27.14 3.51
C THR B 164 34.37 -27.39 2.18
N GLU B 165 33.69 -26.36 1.70
CA GLU B 165 33.04 -26.42 0.40
C GLU B 165 34.08 -26.55 -0.71
N GLN B 166 33.66 -27.11 -1.83
CA GLN B 166 34.55 -27.23 -2.98
C GLN B 166 34.98 -25.84 -3.44
N ASP B 167 36.28 -25.69 -3.70
CA ASP B 167 36.83 -24.39 -4.04
C ASP B 167 36.26 -23.89 -5.36
N SER B 168 35.90 -22.60 -5.38
CA SER B 168 35.35 -21.99 -6.58
C SER B 168 36.40 -21.75 -7.65
N LYS B 169 37.68 -21.91 -7.33
CA LYS B 169 38.75 -21.83 -8.32
C LYS B 169 39.52 -23.13 -8.45
N ASP B 170 40.00 -23.69 -7.33
CA ASP B 170 40.82 -24.89 -7.37
C ASP B 170 39.99 -26.16 -7.53
N SER B 171 38.68 -26.10 -7.28
CA SER B 171 37.78 -27.25 -7.32
C SER B 171 38.17 -28.34 -6.33
N THR B 172 38.94 -27.99 -5.29
CA THR B 172 39.44 -28.95 -4.33
C THR B 172 38.65 -28.87 -3.03
N TYR B 173 38.97 -29.78 -2.11
CA TYR B 173 38.37 -29.83 -0.79
C TYR B 173 39.46 -29.73 0.27
N SER B 174 39.06 -29.25 1.45
CA SER B 174 39.93 -29.21 2.61
C SER B 174 39.17 -29.78 3.81
N LEU B 175 39.88 -30.54 4.63
CA LEU B 175 39.29 -31.19 5.80
C LEU B 175 40.11 -30.84 7.04
N SER B 176 39.42 -30.73 8.17
CA SER B 176 40.04 -30.51 9.46
C SER B 176 39.44 -31.47 10.47
N SER B 177 40.30 -32.19 11.19
CA SER B 177 39.88 -33.11 12.24
C SER B 177 40.47 -32.65 13.57
N THR B 178 39.62 -32.52 14.58
CA THR B 178 40.02 -32.04 15.89
C THR B 178 39.88 -33.19 16.90
N LEU B 179 40.99 -33.59 17.50
CA LEU B 179 41.00 -34.57 18.57
C LEU B 179 40.98 -33.84 19.90
N THR B 180 39.92 -34.02 20.67
CA THR B 180 39.72 -33.31 21.93
C THR B 180 40.04 -34.24 23.09
N LEU B 181 40.98 -33.83 23.93
CA LEU B 181 41.39 -34.59 25.10
C LEU B 181 41.48 -33.68 26.31
N SER B 182 41.20 -34.24 27.48
CA SER B 182 41.40 -33.50 28.72
C SER B 182 42.89 -33.27 28.96
N LYS B 183 43.20 -32.24 29.75
CA LYS B 183 44.58 -31.92 30.03
C LYS B 183 45.29 -33.07 30.72
N ALA B 184 44.62 -33.72 31.68
CA ALA B 184 45.22 -34.87 32.36
C ALA B 184 45.51 -35.99 31.38
N ASP B 185 44.58 -36.27 30.47
CA ASP B 185 44.80 -37.31 29.48
C ASP B 185 45.88 -36.91 28.47
N TYR B 186 46.01 -35.61 28.20
CA TYR B 186 46.97 -35.16 27.19
C TYR B 186 48.40 -35.45 27.60
N GLU B 187 48.75 -35.18 28.86
CA GLU B 187 50.13 -35.37 29.31
C GLU B 187 50.44 -36.80 29.71
N LYS B 188 49.46 -37.71 29.66
CA LYS B 188 49.75 -39.11 29.90
C LYS B 188 50.54 -39.75 28.76
N HIS B 189 50.51 -39.14 27.57
CA HIS B 189 51.16 -39.69 26.38
C HIS B 189 51.98 -38.61 25.69
N LYS B 190 52.96 -39.05 24.92
CA LYS B 190 53.91 -38.13 24.30
C LYS B 190 53.78 -38.02 22.78
N VAL B 191 53.41 -39.10 22.09
CA VAL B 191 53.36 -39.10 20.63
C VAL B 191 51.90 -38.97 20.19
N TYR B 192 51.61 -37.93 19.44
CA TYR B 192 50.29 -37.71 18.84
C TYR B 192 50.45 -37.69 17.33
N ALA B 193 49.81 -38.64 16.66
CA ALA B 193 50.00 -38.84 15.23
C ALA B 193 48.66 -38.77 14.50
N CYS B 194 48.72 -38.35 13.25
CA CYS B 194 47.54 -38.24 12.39
C CYS B 194 47.83 -38.99 11.10
N GLU B 195 47.22 -40.18 10.95
CA GLU B 195 47.40 -40.99 9.77
C GLU B 195 46.28 -40.69 8.77
N VAL B 196 46.66 -40.40 7.53
CA VAL B 196 45.73 -39.93 6.52
C VAL B 196 45.79 -40.86 5.32
N THR B 197 44.63 -41.35 4.88
CA THR B 197 44.51 -42.21 3.72
C THR B 197 43.72 -41.47 2.63
N HIS B 198 44.30 -41.39 1.44
CA HIS B 198 43.62 -40.76 0.31
C HIS B 198 44.06 -41.42 -0.98
N GLN B 199 43.19 -41.33 -1.99
CA GLN B 199 43.49 -41.93 -3.29
C GLN B 199 44.73 -41.31 -3.93
N GLY B 200 44.98 -40.02 -3.67
CA GLY B 200 46.13 -39.36 -4.24
C GLY B 200 47.46 -39.68 -3.59
N LEU B 201 47.44 -40.42 -2.49
CA LEU B 201 48.65 -40.87 -1.81
C LEU B 201 48.85 -42.36 -2.07
N SER B 202 50.04 -42.72 -2.56
CA SER B 202 50.34 -44.13 -2.77
C SER B 202 50.33 -44.90 -1.46
N SER B 203 50.87 -44.31 -0.41
CA SER B 203 50.87 -44.89 0.93
C SER B 203 50.34 -43.86 1.91
N PRO B 204 49.68 -44.32 2.98
CA PRO B 204 49.16 -43.38 3.98
C PRO B 204 50.29 -42.56 4.60
N VAL B 205 50.01 -41.27 4.81
CA VAL B 205 50.98 -40.34 5.37
C VAL B 205 50.58 -40.03 6.81
N THR B 206 51.52 -40.17 7.73
CA THR B 206 51.29 -39.90 9.14
C THR B 206 52.11 -38.67 9.55
N LYS B 207 51.43 -37.70 10.15
CA LYS B 207 52.08 -36.53 10.72
C LYS B 207 51.95 -36.59 12.24
N SER B 208 53.05 -36.32 12.95
CA SER B 208 53.07 -36.49 14.39
C SER B 208 53.91 -35.40 15.04
N PHE B 209 53.73 -35.26 16.35
CA PHE B 209 54.56 -34.39 17.18
C PHE B 209 54.75 -35.05 18.53
N ASN B 210 55.78 -34.63 19.24
CA ASN B 210 56.12 -35.18 20.55
C ASN B 210 55.92 -34.11 21.61
N ARG B 211 54.83 -34.24 22.38
CA ARG B 211 54.57 -33.35 23.50
C ARG B 211 53.53 -34.01 24.40
N GLY B 212 53.35 -33.44 25.59
CA GLY B 212 52.41 -33.97 26.56
C GLY B 212 53.01 -35.06 27.41
N GLU C 1 -9.94 19.31 -22.22
CA GLU C 1 -9.99 18.85 -23.60
C GLU C 1 -11.36 19.13 -24.22
N ILE C 2 -12.40 18.51 -23.67
CA ILE C 2 -13.76 18.71 -24.13
C ILE C 2 -14.41 19.78 -23.26
N VAL C 3 -14.81 20.88 -23.88
CA VAL C 3 -15.50 21.95 -23.16
C VAL C 3 -16.99 21.65 -23.16
N LEU C 4 -17.65 21.97 -22.06
CA LEU C 4 -19.08 21.70 -21.89
C LEU C 4 -19.78 23.04 -21.64
N THR C 5 -20.26 23.64 -22.71
CA THR C 5 -20.98 24.91 -22.63
C THR C 5 -22.45 24.64 -22.37
N GLN C 6 -22.93 25.09 -21.21
CA GLN C 6 -24.30 24.89 -20.82
C GLN C 6 -25.15 26.11 -21.15
N SER C 7 -26.47 25.93 -21.10
CA SER C 7 -27.40 27.02 -21.27
C SER C 7 -27.29 27.97 -20.07
N PRO C 8 -27.69 29.24 -20.24
CA PRO C 8 -27.62 30.18 -19.11
C PRO C 8 -28.55 29.81 -17.98
N ALA C 9 -28.53 30.60 -16.91
CA ALA C 9 -29.45 30.39 -15.80
C ALA C 9 -30.88 30.44 -16.32
N THR C 10 -31.58 29.30 -16.29
CA THR C 10 -32.97 29.29 -16.72
C THR C 10 -33.77 30.24 -15.84
N LEU C 11 -34.67 30.99 -16.46
CA LEU C 11 -35.43 32.01 -15.74
C LEU C 11 -36.32 31.33 -14.71
N SER C 12 -37.06 32.10 -13.93
CA SER C 12 -38.01 31.48 -13.03
C SER C 12 -39.12 30.81 -13.84
N LEU C 13 -39.44 29.57 -13.51
CA LEU C 13 -40.48 28.81 -14.18
C LEU C 13 -41.52 28.34 -13.17
N SER C 14 -42.79 28.58 -13.46
CA SER C 14 -43.85 28.16 -12.57
C SER C 14 -43.97 26.63 -12.60
N PRO C 15 -44.34 26.02 -11.47
CA PRO C 15 -44.58 24.57 -11.46
C PRO C 15 -45.62 24.18 -12.50
N GLY C 16 -45.37 23.06 -13.17
CA GLY C 16 -46.20 22.62 -14.28
C GLY C 16 -45.75 23.12 -15.63
N GLU C 17 -44.74 23.99 -15.69
CA GLU C 17 -44.21 24.46 -16.95
C GLU C 17 -43.14 23.50 -17.46
N ARG C 18 -42.62 23.76 -18.65
CA ARG C 18 -41.58 22.94 -19.26
C ARG C 18 -40.24 23.65 -19.10
N ALA C 19 -39.27 22.96 -18.51
CA ALA C 19 -37.91 23.45 -18.38
C ALA C 19 -36.99 22.56 -19.19
N THR C 20 -36.21 23.17 -20.08
CA THR C 20 -35.21 22.45 -20.86
C THR C 20 -33.83 22.99 -20.51
N LEU C 21 -32.85 22.09 -20.49
CA LEU C 21 -31.47 22.45 -20.19
C LEU C 21 -30.60 22.00 -21.35
N SER C 22 -29.71 22.90 -21.79
CA SER C 22 -28.85 22.64 -22.93
C SER C 22 -27.40 22.51 -22.48
N CYS C 23 -26.71 21.50 -23.01
CA CYS C 23 -25.28 21.33 -22.81
C CYS C 23 -24.66 20.99 -24.16
N ARG C 24 -23.56 21.66 -24.48
CA ARG C 24 -22.88 21.48 -25.76
C ARG C 24 -21.43 21.12 -25.52
N ALA C 25 -20.95 20.12 -26.26
CA ALA C 25 -19.56 19.67 -26.20
C ALA C 25 -18.88 20.04 -27.51
N SER C 26 -17.83 20.85 -27.44
CA SER C 26 -17.15 21.28 -28.66
C SER C 26 -16.57 20.12 -29.45
N PRO C 27 -15.86 19.16 -28.85
CA PRO C 27 -15.67 17.87 -29.51
C PRO C 27 -16.75 16.90 -29.06
N SER C 28 -17.10 15.99 -29.97
CA SER C 28 -18.21 15.07 -29.72
C SER C 28 -17.94 14.22 -28.49
N ALA C 29 -18.84 14.31 -27.51
CA ALA C 29 -18.75 13.50 -26.30
C ALA C 29 -19.36 12.12 -26.45
N GLY C 30 -20.00 11.83 -27.59
CA GLY C 30 -20.57 10.52 -27.79
C GLY C 30 -21.72 10.25 -26.85
N ARG C 31 -21.83 8.98 -26.42
CA ARG C 31 -22.90 8.58 -25.53
C ARG C 31 -22.61 8.90 -24.07
N PHE C 32 -21.35 9.20 -23.73
CA PHE C 32 -20.95 9.37 -22.33
C PHE C 32 -21.22 10.80 -21.89
N LEU C 33 -22.43 11.05 -21.38
CA LEU C 33 -22.75 12.32 -20.77
C LEU C 33 -23.75 12.09 -19.65
N ALA C 34 -23.55 12.77 -18.53
CA ALA C 34 -24.37 12.60 -17.33
C ALA C 34 -24.86 13.94 -16.83
N TRP C 35 -25.99 13.92 -16.13
CA TRP C 35 -26.61 15.10 -15.56
C TRP C 35 -26.67 14.96 -14.05
N TYR C 36 -26.31 16.04 -13.34
CA TYR C 36 -26.29 16.05 -11.89
C TYR C 36 -27.24 17.09 -11.35
N GLN C 37 -27.87 16.79 -10.21
CA GLN C 37 -28.77 17.69 -9.51
C GLN C 37 -28.14 18.09 -8.19
N GLN C 38 -28.15 19.39 -7.90
CA GLN C 38 -27.53 19.91 -6.68
C GLN C 38 -28.43 20.95 -6.05
N ARG C 39 -29.15 20.55 -5.00
CA ARG C 39 -29.86 21.50 -4.16
C ARG C 39 -28.86 22.23 -3.27
N PRO C 40 -29.20 23.43 -2.80
CA PRO C 40 -28.25 24.19 -1.97
C PRO C 40 -27.83 23.43 -0.72
N GLY C 41 -26.56 23.57 -0.36
CA GLY C 41 -26.03 22.91 0.81
C GLY C 41 -25.99 21.40 0.72
N GLN C 42 -26.10 20.84 -0.48
CA GLN C 42 -26.15 19.40 -0.67
C GLN C 42 -25.11 18.97 -1.68
N ALA C 43 -24.65 17.73 -1.54
CA ALA C 43 -23.80 17.13 -2.56
C ALA C 43 -24.60 16.91 -3.84
N PRO C 44 -23.96 17.04 -5.00
CA PRO C 44 -24.67 16.78 -6.27
C PRO C 44 -25.15 15.34 -6.33
N ARG C 45 -26.34 15.16 -6.90
CA ARG C 45 -26.96 13.85 -7.03
C ARG C 45 -27.03 13.47 -8.50
N LEU C 46 -26.60 12.25 -8.81
CA LEU C 46 -26.67 11.78 -10.19
C LEU C 46 -28.12 11.64 -10.61
N LEU C 47 -28.45 12.18 -11.79
CA LEU C 47 -29.82 12.21 -12.29
C LEU C 47 -29.99 11.37 -13.55
N ILE C 48 -29.21 11.65 -14.59
CA ILE C 48 -29.25 10.91 -15.84
C ILE C 48 -27.83 10.59 -16.24
N TYR C 49 -27.63 9.40 -16.81
CA TYR C 49 -26.33 8.98 -17.32
C TYR C 49 -26.55 8.30 -18.67
N ASP C 50 -25.48 8.29 -19.47
CA ASP C 50 -25.51 7.78 -20.84
C ASP C 50 -26.52 8.63 -21.62
N ALA C 51 -27.43 8.03 -22.39
CA ALA C 51 -28.43 8.78 -23.14
C ALA C 51 -29.82 8.29 -22.75
N SER C 52 -30.64 9.19 -22.22
CA SER C 52 -32.04 8.93 -21.87
C SER C 52 -32.16 7.83 -20.81
N LYS C 53 -31.09 7.55 -20.08
CA LYS C 53 -31.07 6.48 -19.09
C LYS C 53 -31.08 7.12 -17.70
N ARG C 54 -32.26 7.17 -17.09
CA ARG C 54 -32.39 7.78 -15.78
C ARG C 54 -31.82 6.86 -14.69
N ALA C 55 -31.26 7.47 -13.66
CA ALA C 55 -30.68 6.73 -12.56
C ALA C 55 -31.77 6.23 -11.62
N THR C 56 -31.37 5.38 -10.68
CA THR C 56 -32.31 4.92 -9.66
C THR C 56 -32.71 6.08 -8.76
N ASP C 57 -33.91 5.98 -8.19
CA ASP C 57 -34.48 7.02 -7.34
C ASP C 57 -34.60 8.35 -8.07
N THR C 58 -34.81 8.30 -9.39
CA THR C 58 -35.03 9.49 -10.20
C THR C 58 -36.47 9.51 -10.71
N PRO C 59 -37.20 10.59 -10.49
CA PRO C 59 -38.61 10.61 -10.91
C PRO C 59 -38.76 10.58 -12.43
N ALA C 60 -39.89 10.05 -12.87
CA ALA C 60 -40.14 9.87 -14.30
C ALA C 60 -40.21 11.19 -15.06
N ARG C 61 -40.48 12.30 -14.36
CA ARG C 61 -40.54 13.60 -15.03
C ARG C 61 -39.19 14.01 -15.60
N PHE C 62 -38.11 13.39 -15.16
CA PHE C 62 -36.77 13.69 -15.66
C PHE C 62 -36.44 12.76 -16.82
N SER C 63 -35.93 13.34 -17.91
CA SER C 63 -35.52 12.58 -19.07
C SER C 63 -34.37 13.28 -19.74
N GLY C 64 -33.53 12.49 -20.43
CA GLY C 64 -32.40 13.04 -21.15
C GLY C 64 -32.43 12.68 -22.62
N SER C 65 -31.70 13.44 -23.43
CA SER C 65 -31.62 13.17 -24.87
C SER C 65 -30.42 13.93 -25.43
N GLY C 66 -29.99 13.51 -26.60
CA GLY C 66 -28.96 14.21 -27.33
C GLY C 66 -27.91 13.35 -28.01
N SER C 67 -27.40 13.84 -29.13
CA SER C 67 -26.32 13.19 -29.86
C SER C 67 -24.98 13.57 -29.23
N GLY C 68 -23.88 13.29 -29.94
CA GLY C 68 -22.56 13.48 -29.36
C GLY C 68 -22.27 14.92 -28.98
N THR C 69 -22.71 15.87 -29.80
CA THR C 69 -22.34 17.27 -29.60
C THR C 69 -23.42 18.10 -28.90
N ASP C 70 -24.69 17.71 -29.01
CA ASP C 70 -25.78 18.45 -28.40
C ASP C 70 -26.53 17.56 -27.43
N PHE C 71 -26.88 18.10 -26.27
CA PHE C 71 -27.56 17.34 -25.23
C PHE C 71 -28.66 18.20 -24.62
N ASN C 72 -29.72 17.53 -24.14
CA ASN C 72 -30.87 18.21 -23.56
C ASN C 72 -31.32 17.49 -22.31
N LEU C 73 -31.61 18.27 -21.26
CA LEU C 73 -32.23 17.76 -20.04
C LEU C 73 -33.56 18.48 -19.85
N THR C 74 -34.64 17.71 -19.72
CA THR C 74 -35.99 18.25 -19.68
C THR C 74 -36.70 17.79 -18.42
N ILE C 75 -37.32 18.74 -17.73
CA ILE C 75 -38.18 18.45 -16.58
C ILE C 75 -39.61 18.71 -17.02
N ALA C 76 -40.37 17.64 -17.24
CA ALA C 76 -41.69 17.76 -17.85
C ALA C 76 -42.65 18.53 -16.95
N SER C 77 -42.80 18.10 -15.70
CA SER C 77 -43.73 18.72 -14.77
C SER C 77 -42.93 19.31 -13.60
N LEU C 78 -42.67 20.61 -13.68
CA LEU C 78 -41.85 21.25 -12.66
C LEU C 78 -42.53 21.19 -11.29
N GLU C 79 -41.74 20.86 -10.28
CA GLU C 79 -42.16 20.75 -8.90
C GLU C 79 -41.28 21.64 -8.04
N PRO C 80 -41.75 22.06 -6.86
CA PRO C 80 -40.94 22.97 -6.05
C PRO C 80 -39.65 22.35 -5.54
N GLU C 81 -39.57 21.02 -5.50
CA GLU C 81 -38.34 20.33 -5.14
C GLU C 81 -37.30 20.34 -6.25
N ASP C 82 -37.67 20.78 -7.45
CA ASP C 82 -36.76 20.79 -8.59
C ASP C 82 -35.81 21.98 -8.59
N PHE C 83 -35.96 22.90 -7.64
CA PHE C 83 -35.05 24.04 -7.55
C PHE C 83 -33.64 23.54 -7.23
N ALA C 84 -32.75 23.61 -8.22
CA ALA C 84 -31.38 23.14 -8.06
C ALA C 84 -30.55 23.64 -9.22
N VAL C 85 -29.23 23.57 -9.06
CA VAL C 85 -28.30 23.83 -10.14
C VAL C 85 -27.94 22.51 -10.79
N TYR C 86 -28.01 22.47 -12.12
CA TYR C 86 -27.82 21.24 -12.87
C TYR C 86 -26.54 21.32 -13.70
N TYR C 87 -25.72 20.28 -13.59
CA TYR C 87 -24.42 20.22 -14.27
C TYR C 87 -24.40 19.03 -15.23
N CYS C 88 -23.83 19.23 -16.40
CA CYS C 88 -23.59 18.15 -17.35
C CYS C 88 -22.13 17.71 -17.26
N GLN C 89 -21.92 16.39 -17.25
CA GLN C 89 -20.60 15.82 -17.08
C GLN C 89 -20.37 14.76 -18.15
N HIS C 90 -19.12 14.67 -18.64
CA HIS C 90 -18.75 13.75 -19.70
C HIS C 90 -17.52 12.96 -19.31
N ARG C 91 -17.40 11.75 -19.86
CA ARG C 91 -16.15 11.00 -19.80
C ARG C 91 -15.91 10.29 -21.13
N SER C 92 -16.09 11.03 -22.23
CA SER C 92 -15.69 10.49 -23.54
C SER C 92 -14.19 10.24 -23.58
N ASN C 93 -13.41 11.20 -23.10
CA ASN C 93 -11.96 11.07 -22.99
C ASN C 93 -11.57 11.22 -21.52
N TRP C 94 -10.34 10.82 -21.22
CA TRP C 94 -9.91 10.76 -19.82
C TRP C 94 -9.93 12.12 -19.11
N PRO C 95 -9.56 13.25 -19.73
CA PRO C 95 -9.77 14.52 -19.04
C PRO C 95 -11.26 14.78 -18.81
N LEU C 96 -11.68 14.73 -17.55
CA LEU C 96 -13.08 14.91 -17.20
C LEU C 96 -13.35 16.39 -16.96
N THR C 97 -14.46 16.89 -17.52
CA THR C 97 -14.84 18.28 -17.36
C THR C 97 -16.32 18.36 -17.05
N PHE C 98 -16.69 19.44 -16.34
CA PHE C 98 -18.06 19.69 -15.95
C PHE C 98 -18.61 20.89 -16.72
N GLY C 99 -19.93 20.95 -16.82
CA GLY C 99 -20.58 22.11 -17.38
C GLY C 99 -20.58 23.28 -16.43
N GLY C 100 -20.91 24.46 -16.97
CA GLY C 100 -20.92 25.67 -16.16
C GLY C 100 -22.02 25.69 -15.12
N GLY C 101 -23.10 24.93 -15.32
CA GLY C 101 -24.19 24.90 -14.37
C GLY C 101 -25.34 25.81 -14.78
N THR C 102 -26.55 25.27 -14.73
CA THR C 102 -27.76 26.00 -15.05
C THR C 102 -28.65 26.01 -13.81
N LYS C 103 -28.78 27.16 -13.17
CA LYS C 103 -29.61 27.28 -11.98
C LYS C 103 -31.03 27.63 -12.40
N VAL C 104 -31.98 26.82 -11.98
CA VAL C 104 -33.39 27.03 -12.28
C VAL C 104 -34.07 27.62 -11.06
N GLU C 105 -35.10 28.43 -11.31
CA GLU C 105 -35.88 29.06 -10.26
C GLU C 105 -37.36 28.76 -10.49
N ILE C 106 -38.12 28.73 -9.40
CA ILE C 106 -39.53 28.36 -9.43
C ILE C 106 -40.38 29.60 -9.23
N LYS C 107 -41.25 29.89 -10.20
CA LYS C 107 -42.16 31.06 -10.09
C LYS C 107 -43.39 30.61 -9.30
N ARG C 108 -43.69 31.26 -8.20
CA ARG C 108 -44.93 30.90 -7.47
C ARG C 108 -45.75 32.16 -7.19
N THR C 109 -46.89 32.02 -6.52
CA THR C 109 -47.75 33.19 -6.17
C THR C 109 -46.92 34.29 -5.53
N VAL C 110 -47.22 35.55 -5.82
CA VAL C 110 -46.44 36.72 -5.29
C VAL C 110 -46.30 36.68 -3.78
N ALA C 111 -47.22 36.02 -3.06
CA ALA C 111 -47.09 35.84 -1.59
C ALA C 111 -46.97 37.17 -0.85
N ALA C 112 -46.41 37.15 0.36
CA ALA C 112 -46.29 38.37 1.19
C ALA C 112 -45.28 38.10 2.30
N PRO C 113 -44.48 39.09 2.74
CA PRO C 113 -43.44 38.85 3.70
C PRO C 113 -43.86 39.03 5.15
N SER C 114 -43.80 37.95 5.92
CA SER C 114 -44.06 38.04 7.36
C SER C 114 -42.81 38.61 8.02
N VAL C 115 -42.99 39.61 8.89
CA VAL C 115 -41.89 40.38 9.44
C VAL C 115 -41.85 40.20 10.95
N PHE C 116 -40.64 39.96 11.48
CA PHE C 116 -40.39 39.90 12.91
C PHE C 116 -39.12 40.69 13.21
N ILE C 117 -39.02 41.16 14.46
CA ILE C 117 -37.91 42.00 14.89
C ILE C 117 -37.36 41.47 16.20
N PHE C 118 -36.03 41.43 16.32
CA PHE C 118 -35.35 40.90 17.50
C PHE C 118 -34.39 41.95 18.05
N PRO C 119 -34.52 42.34 19.32
CA PRO C 119 -33.59 43.31 19.90
C PRO C 119 -32.28 42.64 20.28
N PRO C 120 -31.23 43.40 20.55
CA PRO C 120 -30.01 42.81 21.10
C PRO C 120 -30.30 42.15 22.43
N SER C 121 -29.67 41.00 22.67
CA SER C 121 -29.94 40.17 23.83
C SER C 121 -28.63 39.89 24.58
N ASP C 122 -28.26 40.82 25.46
CA ASP C 122 -27.18 40.61 26.43
C ASP C 122 -25.89 40.13 25.77
N GLU C 123 -25.53 40.76 24.65
CA GLU C 123 -24.22 40.57 24.05
C GLU C 123 -23.32 41.77 24.24
N GLN C 124 -23.79 42.82 24.92
CA GLN C 124 -22.99 44.01 25.17
C GLN C 124 -22.08 43.87 26.39
N LEU C 125 -22.19 42.77 27.13
CA LEU C 125 -21.38 42.56 28.32
C LEU C 125 -19.92 42.34 27.94
N SER C 127 -16.21 44.79 25.31
CA SER C 127 -16.85 43.86 24.38
C SER C 127 -18.33 44.19 24.23
N GLY C 128 -18.64 45.47 24.07
CA GLY C 128 -20.02 45.89 23.93
C GLY C 128 -20.44 46.17 22.51
N THR C 129 -21.15 45.22 21.91
CA THR C 129 -21.67 45.36 20.55
C THR C 129 -23.13 44.93 20.55
N ALA C 130 -23.96 45.68 19.83
CA ALA C 130 -25.39 45.40 19.73
C ALA C 130 -25.74 45.03 18.30
N SER C 131 -26.40 43.90 18.14
CA SER C 131 -26.85 43.43 16.84
C SER C 131 -28.36 43.33 16.84
N VAL C 132 -29.01 44.13 15.99
CA VAL C 132 -30.46 44.11 15.82
C VAL C 132 -30.78 43.39 14.52
N VAL C 133 -31.76 42.50 14.58
CA VAL C 133 -32.06 41.58 13.48
C VAL C 133 -33.51 41.74 13.07
N CYS C 134 -33.75 41.80 11.76
CA CYS C 134 -35.09 41.76 11.18
C CYS C 134 -35.25 40.48 10.40
N LEU C 135 -36.33 39.75 10.66
CA LEU C 135 -36.62 38.49 9.99
C LEU C 135 -37.78 38.69 9.02
N LEU C 136 -37.50 38.54 7.73
CA LEU C 136 -38.53 38.49 6.70
C LEU C 136 -38.74 37.03 6.31
N ASN C 137 -39.94 36.53 6.54
CA ASN C 137 -40.23 35.10 6.38
C ASN C 137 -41.17 34.86 5.21
N ASN C 138 -40.75 33.98 4.31
CA ASN C 138 -41.62 33.39 3.28
C ASN C 138 -42.27 34.45 2.40
N PHE C 139 -41.43 35.17 1.67
CA PHE C 139 -41.89 36.11 0.64
C PHE C 139 -41.35 35.66 -0.71
N TYR C 140 -42.19 35.77 -1.75
CA TYR C 140 -41.76 35.29 -3.05
C TYR C 140 -40.80 36.24 -3.78
N PRO C 141 -41.16 37.52 -4.01
CA PRO C 141 -40.30 38.35 -4.87
C PRO C 141 -39.02 38.72 -4.16
N ARG C 142 -37.90 38.33 -4.76
CA ARG C 142 -36.59 38.55 -4.12
C ARG C 142 -36.32 40.02 -3.85
N GLU C 143 -36.92 40.91 -4.65
CA GLU C 143 -36.76 42.34 -4.43
C GLU C 143 -37.49 42.75 -3.15
N ALA C 144 -36.73 43.21 -2.16
CA ALA C 144 -37.29 43.68 -0.91
C ALA C 144 -36.37 44.74 -0.31
N LYS C 145 -36.97 45.68 0.40
CA LYS C 145 -36.25 46.83 0.95
C LYS C 145 -36.29 46.76 2.47
N VAL C 146 -35.13 46.97 3.09
CA VAL C 146 -35.05 47.05 4.55
C VAL C 146 -34.56 48.45 4.90
N GLN C 147 -35.39 49.19 5.64
CA GLN C 147 -35.07 50.52 6.11
C GLN C 147 -34.94 50.47 7.63
N TRP C 148 -33.79 50.91 8.13
CA TRP C 148 -33.49 50.89 9.56
C TRP C 148 -33.51 52.33 10.05
N LYS C 149 -34.68 52.78 10.51
CA LYS C 149 -34.86 54.14 11.00
C LYS C 149 -34.77 54.15 12.52
N VAL C 150 -33.92 55.02 13.05
CA VAL C 150 -33.76 55.14 14.49
C VAL C 150 -34.39 56.43 14.98
N ASN C 158 -25.24 54.56 7.85
CA ASN C 158 -26.12 53.42 7.77
C ASN C 158 -25.34 52.13 7.49
N SER C 159 -25.21 51.30 8.52
CA SER C 159 -24.44 50.05 8.44
C SER C 159 -25.35 48.89 8.86
N GLN C 160 -26.08 48.35 7.90
CA GLN C 160 -26.81 47.11 8.06
C GLN C 160 -26.23 46.05 7.14
N GLU C 161 -26.10 44.83 7.64
CA GLU C 161 -25.73 43.70 6.80
C GLU C 161 -26.96 42.82 6.60
N SER C 162 -27.13 42.37 5.37
CA SER C 162 -28.32 41.61 4.98
C SER C 162 -27.89 40.29 4.36
N VAL C 163 -28.52 39.20 4.80
CA VAL C 163 -28.29 37.87 4.26
C VAL C 163 -29.64 37.28 3.89
N THR C 164 -29.73 36.69 2.70
CA THR C 164 -30.99 36.18 2.16
C THR C 164 -30.92 34.66 2.03
N GLU C 165 -31.98 33.99 2.47
CA GLU C 165 -32.11 32.56 2.27
C GLU C 165 -32.55 32.27 0.84
N GLN C 166 -32.16 31.10 0.34
CA GLN C 166 -32.49 30.71 -1.02
C GLN C 166 -33.92 30.15 -1.07
N ASP C 167 -34.25 29.50 -2.19
CA ASP C 167 -35.59 28.96 -2.41
C ASP C 167 -35.88 27.85 -1.40
N SER C 168 -37.12 27.35 -1.43
CA SER C 168 -37.57 26.38 -0.45
C SER C 168 -38.62 25.48 -1.08
N LYS C 169 -39.30 24.69 -0.25
CA LYS C 169 -40.40 23.85 -0.73
C LYS C 169 -41.64 24.69 -1.03
N ASP C 170 -41.78 25.83 -0.37
CA ASP C 170 -42.80 26.81 -0.73
C ASP C 170 -42.30 27.83 -1.74
N SER C 171 -41.03 27.72 -2.15
CA SER C 171 -40.41 28.56 -3.17
C SER C 171 -40.32 30.03 -2.76
N THR C 172 -40.47 30.32 -1.47
CA THR C 172 -40.44 31.68 -0.98
C THR C 172 -39.14 31.93 -0.23
N TYR C 173 -38.47 33.04 -0.57
CA TYR C 173 -37.19 33.36 0.04
C TYR C 173 -37.40 34.02 1.41
N SER C 174 -36.36 33.93 2.24
CA SER C 174 -36.35 34.55 3.55
C SER C 174 -35.16 35.50 3.66
N LEU C 175 -35.40 36.66 4.27
CA LEU C 175 -34.42 37.73 4.36
C LEU C 175 -34.13 38.03 5.82
N SER C 176 -32.85 38.20 6.15
CA SER C 176 -32.44 38.63 7.49
C SER C 176 -31.56 39.86 7.35
N SER C 177 -31.92 40.92 8.07
CA SER C 177 -31.16 42.16 8.08
C SER C 177 -30.62 42.39 9.48
N THR C 178 -29.30 42.36 9.60
CA THR C 178 -28.63 42.54 10.88
C THR C 178 -28.07 43.95 10.98
N LEU C 179 -28.46 44.65 12.05
CA LEU C 179 -28.03 46.03 12.30
C LEU C 179 -27.07 46.02 13.49
N THR C 180 -25.78 46.26 13.21
CA THR C 180 -24.74 46.22 14.22
C THR C 180 -24.44 47.63 14.69
N LEU C 181 -24.61 47.86 15.99
CA LEU C 181 -24.32 49.14 16.61
C LEU C 181 -23.52 48.90 17.89
N SER C 182 -22.82 49.94 18.34
CA SER C 182 -22.12 49.85 19.60
C SER C 182 -23.07 50.18 20.74
N LYS C 183 -22.68 49.79 21.96
CA LYS C 183 -23.56 49.95 23.11
C LYS C 183 -23.83 51.42 23.42
N ALA C 184 -22.84 52.30 23.19
CA ALA C 184 -23.06 53.73 23.41
C ALA C 184 -24.06 54.28 22.41
N ASP C 185 -23.99 53.84 21.15
CA ASP C 185 -24.99 54.21 20.16
C ASP C 185 -26.26 53.37 20.26
N TYR C 186 -26.26 52.33 21.08
CA TYR C 186 -27.49 51.56 21.29
C TYR C 186 -28.44 52.24 22.27
N GLU C 187 -27.89 52.95 23.26
CA GLU C 187 -28.70 53.68 24.23
C GLU C 187 -29.08 55.07 23.75
N LYS C 188 -28.64 55.47 22.55
CA LYS C 188 -28.95 56.80 22.04
C LYS C 188 -30.44 56.99 21.85
N HIS C 189 -31.12 55.99 21.30
CA HIS C 189 -32.55 56.06 21.03
C HIS C 189 -33.25 54.88 21.68
N LYS C 190 -34.48 55.13 22.15
CA LYS C 190 -35.30 54.09 22.74
C LYS C 190 -36.12 53.31 21.71
N VAL C 191 -36.41 53.90 20.55
CA VAL C 191 -37.27 53.28 19.54
C VAL C 191 -36.38 52.90 18.36
N TYR C 192 -36.42 51.62 18.00
CA TYR C 192 -35.68 51.09 16.85
C TYR C 192 -36.68 50.56 15.85
N ALA C 193 -36.88 51.30 14.76
CA ALA C 193 -37.88 50.94 13.76
C ALA C 193 -37.28 50.05 12.69
N CYS C 194 -38.12 49.21 12.10
CA CYS C 194 -37.73 48.30 11.02
C CYS C 194 -38.86 48.31 10.00
N GLU C 195 -38.66 48.99 8.88
CA GLU C 195 -39.67 49.15 7.86
C GLU C 195 -39.23 48.42 6.60
N VAL C 196 -40.13 47.60 6.04
CA VAL C 196 -39.87 46.84 4.83
C VAL C 196 -40.86 47.28 3.75
N THR C 197 -40.33 47.66 2.59
CA THR C 197 -41.14 47.94 1.41
C THR C 197 -40.98 46.75 0.47
N HIS C 198 -42.03 45.93 0.38
CA HIS C 198 -41.93 44.63 -0.27
C HIS C 198 -42.34 44.64 -1.73
N GLN C 199 -43.22 45.55 -2.13
CA GLN C 199 -43.84 45.64 -3.45
C GLN C 199 -44.79 44.47 -3.71
N GLY C 200 -44.88 43.51 -2.79
CA GLY C 200 -45.90 42.48 -2.83
C GLY C 200 -46.82 42.62 -1.64
N LEU C 201 -46.55 43.65 -0.84
CA LEU C 201 -47.35 43.99 0.32
C LEU C 201 -48.33 45.09 -0.01
N SER C 202 -49.44 45.14 0.73
CA SER C 202 -50.42 46.19 0.54
C SER C 202 -49.81 47.56 0.82
N SER C 203 -49.01 47.66 1.88
CA SER C 203 -48.37 48.90 2.27
C SER C 203 -47.14 48.55 3.10
N PRO C 204 -46.21 49.50 3.26
CA PRO C 204 -45.02 49.21 4.08
C PRO C 204 -45.38 48.82 5.50
N VAL C 205 -44.62 47.87 6.05
CA VAL C 205 -44.85 47.32 7.37
C VAL C 205 -43.70 47.73 8.27
N THR C 206 -44.01 48.13 9.51
CA THR C 206 -43.03 48.60 10.47
C THR C 206 -43.11 47.77 11.74
N LYS C 207 -41.96 47.29 12.22
CA LYS C 207 -41.86 46.58 13.48
C LYS C 207 -40.80 47.26 14.33
N SER C 208 -41.14 47.52 15.60
CA SER C 208 -40.28 48.30 16.49
C SER C 208 -40.30 47.72 17.89
N PHE C 209 -39.26 48.05 18.66
CA PHE C 209 -39.18 47.72 20.07
C PHE C 209 -38.69 48.94 20.84
N ASN C 210 -38.97 48.94 22.14
CA ASN C 210 -38.60 50.05 23.01
C ASN C 210 -37.29 49.75 23.73
N ARG C 211 -36.71 50.82 24.30
CA ARG C 211 -35.44 50.75 25.01
C ARG C 211 -34.31 50.21 24.12
N GLN D 1 -24.88 -0.01 -0.70
CA GLN D 1 -25.19 0.78 0.50
C GLN D 1 -23.92 1.38 1.10
N LEU D 2 -22.93 1.64 0.26
CA LEU D 2 -21.68 2.22 0.72
C LEU D 2 -21.86 3.70 1.06
N GLN D 3 -20.91 4.21 1.84
CA GLN D 3 -20.92 5.60 2.26
C GLN D 3 -19.49 6.13 2.24
N LEU D 4 -19.35 7.38 1.82
CA LEU D 4 -18.05 8.04 1.74
C LEU D 4 -18.01 9.19 2.74
N GLN D 5 -16.99 9.20 3.60
CA GLN D 5 -16.81 10.24 4.60
C GLN D 5 -15.42 10.83 4.46
N GLU D 6 -15.35 12.12 4.12
CA GLU D 6 -14.09 12.81 3.98
C GLU D 6 -13.67 13.43 5.32
N SER D 7 -12.35 13.48 5.54
CA SER D 7 -11.81 14.06 6.75
C SER D 7 -10.56 14.87 6.39
N GLY D 8 -10.19 15.78 7.27
CA GLY D 8 -9.05 16.64 7.06
C GLY D 8 -9.27 18.02 7.62
N PRO D 9 -8.20 18.81 7.72
CA PRO D 9 -8.33 20.17 8.25
C PRO D 9 -9.17 21.06 7.35
N GLY D 10 -9.90 21.97 7.99
CA GLY D 10 -10.66 22.97 7.26
C GLY D 10 -9.93 24.26 6.99
N LEU D 11 -8.78 24.45 7.64
CA LEU D 11 -7.95 25.65 7.45
C LEU D 11 -6.57 25.21 6.97
N VAL D 12 -6.12 25.80 5.87
CA VAL D 12 -4.81 25.54 5.30
C VAL D 12 -4.13 26.88 5.07
N LYS D 13 -2.91 27.03 5.59
CA LYS D 13 -2.18 28.27 5.35
C LYS D 13 -1.73 28.34 3.90
N PRO D 14 -1.58 29.55 3.35
CA PRO D 14 -1.38 29.68 1.89
C PRO D 14 -0.18 28.93 1.33
N SER D 15 0.91 28.82 2.08
CA SER D 15 2.11 28.21 1.54
C SER D 15 2.16 26.69 1.70
N GLU D 16 1.21 26.10 2.41
CA GLU D 16 1.30 24.70 2.77
C GLU D 16 0.52 23.82 1.80
N THR D 17 0.44 22.53 2.12
CA THR D 17 -0.20 21.53 1.28
C THR D 17 -1.50 21.07 1.95
N LEU D 18 -2.59 21.07 1.17
CA LEU D 18 -3.86 20.56 1.66
C LEU D 18 -3.90 19.04 1.53
N SER D 19 -4.28 18.36 2.61
CA SER D 19 -4.38 16.91 2.62
C SER D 19 -5.76 16.50 3.10
N LEU D 20 -6.42 15.63 2.34
CA LEU D 20 -7.73 15.11 2.68
C LEU D 20 -7.74 13.60 2.56
N THR D 21 -8.56 12.95 3.38
CA THR D 21 -8.71 11.50 3.38
C THR D 21 -10.19 11.17 3.38
N CYS D 22 -10.58 10.22 2.52
CA CYS D 22 -11.93 9.68 2.49
C CYS D 22 -11.90 8.22 2.88
N THR D 23 -12.91 7.79 3.64
CA THR D 23 -13.01 6.41 4.11
C THR D 23 -14.22 5.74 3.46
N VAL D 24 -13.98 4.63 2.78
CA VAL D 24 -15.05 3.82 2.18
C VAL D 24 -15.56 2.87 3.25
N SER D 25 -16.88 2.72 3.33
CA SER D 25 -17.53 1.89 4.33
C SER D 25 -18.08 0.59 3.75
N ASP D 26 -17.47 0.08 2.68
CA ASP D 26 -17.97 -1.12 2.03
C ASP D 26 -16.89 -2.11 1.62
N ALA D 27 -15.61 -1.81 1.84
CA ALA D 27 -14.50 -2.63 1.34
C ALA D 27 -14.60 -2.83 -0.17
N SER D 28 -15.08 -1.79 -0.87
CA SER D 28 -15.23 -1.81 -2.32
C SER D 28 -14.06 -1.15 -3.04
N ILE D 29 -13.01 -0.79 -2.30
CA ILE D 29 -11.83 -0.19 -2.92
C ILE D 29 -11.24 -1.16 -3.95
N ASP D 30 -11.13 -2.44 -3.58
CA ASP D 30 -10.56 -3.45 -4.45
C ASP D 30 -11.41 -3.71 -5.70
N THR D 31 -12.65 -3.25 -5.71
CA THR D 31 -13.59 -3.64 -6.76
C THR D 31 -13.20 -3.00 -8.10
N PRO D 32 -13.23 -3.77 -9.19
CA PRO D 32 -12.87 -3.21 -10.50
C PRO D 32 -13.89 -2.20 -10.98
N SER D 33 -13.42 -1.33 -11.89
CA SER D 33 -14.20 -0.30 -12.58
C SER D 33 -14.62 0.85 -11.69
N TYR D 34 -14.13 0.92 -10.46
CA TYR D 34 -14.40 2.03 -9.56
C TYR D 34 -13.15 2.91 -9.47
N PHE D 35 -13.30 4.18 -9.80
CA PHE D 35 -12.22 5.16 -9.68
C PHE D 35 -12.59 6.12 -8.55
N TRP D 36 -11.82 6.09 -7.48
CA TRP D 36 -12.08 6.95 -6.33
C TRP D 36 -11.56 8.34 -6.63
N SER D 37 -12.45 9.33 -6.59
CA SER D 37 -12.19 10.62 -7.19
C SER D 37 -12.43 11.73 -6.17
N TRP D 38 -11.95 12.92 -6.52
CA TRP D 38 -12.17 14.13 -5.73
C TRP D 38 -12.75 15.20 -6.64
N ILE D 39 -13.72 15.95 -6.12
CA ILE D 39 -14.34 17.06 -6.82
C ILE D 39 -14.42 18.24 -5.85
N ARG D 40 -14.06 19.42 -6.33
CA ARG D 40 -14.12 20.62 -5.51
C ARG D 40 -15.08 21.63 -6.15
N GLN D 41 -15.61 22.51 -5.31
CA GLN D 41 -16.56 23.52 -5.74
C GLN D 41 -16.36 24.79 -4.93
N PRO D 42 -15.75 25.82 -5.51
CA PRO D 42 -15.61 27.07 -4.78
C PRO D 42 -16.95 27.70 -4.51
N PRO D 43 -17.10 28.43 -3.41
CA PRO D 43 -18.32 29.19 -3.18
C PRO D 43 -18.52 30.21 -4.28
N GLY D 44 -19.77 30.33 -4.72
CA GLY D 44 -20.12 31.18 -5.83
C GLY D 44 -19.77 30.63 -7.19
N LYS D 45 -19.34 29.37 -7.27
CA LYS D 45 -18.89 28.78 -8.54
C LYS D 45 -19.45 27.37 -8.71
N GLY D 46 -18.99 26.65 -9.74
CA GLY D 46 -19.45 25.31 -10.04
C GLY D 46 -18.42 24.23 -9.73
N LEU D 47 -18.80 22.99 -10.07
CA LEU D 47 -17.97 21.84 -9.76
C LEU D 47 -16.73 21.79 -10.66
N GLU D 48 -15.64 21.28 -10.10
CA GLU D 48 -14.40 21.09 -10.84
C GLU D 48 -13.78 19.76 -10.43
N TRP D 49 -13.63 18.86 -11.39
CA TRP D 49 -12.95 17.58 -11.14
C TRP D 49 -11.46 17.82 -10.96
N ILE D 50 -10.89 17.23 -9.92
CA ILE D 50 -9.46 17.39 -9.66
C ILE D 50 -8.67 16.09 -9.82
N GLY D 51 -9.32 14.93 -9.84
CA GLY D 51 -8.61 13.71 -10.12
C GLY D 51 -9.39 12.48 -9.73
N SER D 52 -8.92 11.34 -10.23
CA SER D 52 -9.46 10.03 -9.91
C SER D 52 -8.33 9.03 -9.87
N ILE D 53 -8.45 8.03 -9.00
CA ILE D 53 -7.40 7.05 -8.79
C ILE D 53 -8.01 5.65 -8.69
N TYR D 54 -7.34 4.68 -9.29
CA TYR D 54 -7.69 3.27 -9.21
C TYR D 54 -7.01 2.63 -8.01
N TYR D 55 -7.52 1.47 -7.61
CA TYR D 55 -6.91 0.77 -6.47
C TYR D 55 -5.51 0.26 -6.79
N THR D 56 -5.14 0.19 -8.07
CA THR D 56 -3.79 -0.19 -8.48
C THR D 56 -2.87 1.00 -8.65
N GLY D 57 -3.35 2.21 -8.36
CA GLY D 57 -2.56 3.41 -8.56
C GLY D 57 -2.75 4.06 -9.92
N ASN D 58 -3.43 3.41 -10.86
CA ASN D 58 -3.75 4.01 -12.14
C ASN D 58 -4.61 5.24 -11.91
N LYS D 59 -4.10 6.42 -12.25
CA LYS D 59 -4.72 7.67 -11.85
C LYS D 59 -4.80 8.63 -13.03
N TYR D 60 -5.80 9.52 -12.97
CA TYR D 60 -5.97 10.62 -13.90
C TYR D 60 -6.33 11.86 -13.11
N SER D 61 -5.85 13.02 -13.56
CA SER D 61 -6.04 14.26 -12.82
C SER D 61 -6.31 15.40 -13.80
N ASN D 62 -6.86 16.48 -13.25
CA ASN D 62 -7.13 17.67 -14.06
C ASN D 62 -5.83 18.23 -14.61
N PRO D 63 -5.76 18.52 -15.91
CA PRO D 63 -4.49 18.99 -16.48
C PRO D 63 -3.99 20.29 -15.85
N SER D 64 -4.89 21.19 -15.49
CA SER D 64 -4.49 22.46 -14.89
C SER D 64 -4.05 22.31 -13.42
N LEU D 65 -4.25 21.14 -12.82
CA LEU D 65 -3.90 20.91 -11.43
C LEU D 65 -2.99 19.71 -11.22
N LYS D 66 -2.60 19.01 -12.29
CA LYS D 66 -1.85 17.76 -12.12
C LYS D 66 -0.52 17.99 -11.43
N SER D 67 0.15 19.11 -11.73
CA SER D 67 1.46 19.38 -11.16
C SER D 67 1.42 19.43 -9.64
N ARG D 68 0.28 19.84 -9.06
CA ARG D 68 0.16 19.99 -7.62
C ARG D 68 -0.74 18.93 -6.99
N VAL D 69 -1.18 17.93 -7.75
CA VAL D 69 -2.12 16.92 -7.27
C VAL D 69 -1.37 15.61 -7.05
N THR D 70 -1.51 15.05 -5.86
CA THR D 70 -0.97 13.74 -5.53
C THR D 70 -2.07 12.92 -4.87
N MET D 71 -2.26 11.69 -5.34
CA MET D 71 -3.30 10.82 -4.83
C MET D 71 -2.71 9.46 -4.46
N SER D 72 -3.36 8.79 -3.51
CA SER D 72 -2.94 7.48 -3.06
C SER D 72 -4.16 6.67 -2.63
N VAL D 73 -3.99 5.36 -2.61
CA VAL D 73 -5.04 4.43 -2.20
C VAL D 73 -4.46 3.46 -1.18
N ASP D 74 -5.19 3.25 -0.08
CA ASP D 74 -4.82 2.28 0.95
C ASP D 74 -5.94 1.26 1.03
N THR D 75 -5.82 0.19 0.24
CA THR D 75 -6.89 -0.80 0.13
C THR D 75 -7.24 -1.44 1.47
N PRO D 76 -6.29 -1.93 2.28
CA PRO D 76 -6.69 -2.56 3.55
C PRO D 76 -7.43 -1.61 4.49
N LYS D 77 -7.11 -0.33 4.48
CA LYS D 77 -7.73 0.65 5.37
C LYS D 77 -8.99 1.26 4.79
N ARG D 78 -9.40 0.85 3.58
CA ARG D 78 -10.61 1.36 2.93
C ARG D 78 -10.55 2.88 2.78
N GLN D 79 -9.38 3.41 2.43
CA GLN D 79 -9.18 4.84 2.35
C GLN D 79 -8.43 5.21 1.08
N PHE D 80 -8.75 6.39 0.56
CA PHE D 80 -7.96 7.04 -0.48
C PHE D 80 -7.79 8.50 -0.10
N SER D 81 -6.70 9.12 -0.56
CA SER D 81 -6.31 10.43 -0.10
C SER D 81 -5.99 11.34 -1.28
N LEU D 82 -6.06 12.64 -1.02
CA LEU D 82 -5.67 13.66 -1.97
C LEU D 82 -4.74 14.66 -1.30
N ARG D 83 -3.61 14.91 -1.94
CA ARG D 83 -2.67 15.94 -1.49
C ARG D 83 -2.58 17.01 -2.57
N LEU D 84 -2.80 18.27 -2.18
CA LEU D 84 -2.78 19.39 -3.10
C LEU D 84 -1.73 20.39 -2.61
N SER D 85 -0.68 20.57 -3.40
CA SER D 85 0.45 21.38 -2.98
C SER D 85 0.32 22.82 -3.49
N SER D 86 1.00 23.73 -2.79
CA SER D 86 1.09 25.15 -3.17
C SER D 86 -0.30 25.76 -3.36
N VAL D 87 -1.09 25.74 -2.28
CA VAL D 87 -2.46 26.20 -2.36
C VAL D 87 -2.50 27.71 -2.55
N THR D 88 -3.50 28.19 -3.27
CA THR D 88 -3.79 29.60 -3.43
C THR D 88 -5.18 29.89 -2.92
N ALA D 89 -5.55 31.18 -2.91
CA ALA D 89 -6.92 31.55 -2.56
C ALA D 89 -7.92 30.87 -3.49
N ALA D 90 -7.52 30.58 -4.73
CA ALA D 90 -8.38 29.87 -5.66
C ALA D 90 -8.66 28.43 -5.24
N ASP D 91 -7.90 27.90 -4.29
CA ASP D 91 -8.12 26.54 -3.79
C ASP D 91 -9.12 26.48 -2.64
N THR D 92 -9.64 27.62 -2.21
CA THR D 92 -10.70 27.65 -1.21
C THR D 92 -11.99 27.13 -1.84
N ALA D 93 -12.45 25.96 -1.38
CA ALA D 93 -13.61 25.32 -1.98
C ALA D 93 -14.13 24.26 -1.03
N VAL D 94 -15.32 23.76 -1.34
CA VAL D 94 -15.86 22.58 -0.69
C VAL D 94 -15.40 21.37 -1.48
N TYR D 95 -14.67 20.48 -0.82
CA TYR D 95 -14.05 19.34 -1.48
C TYR D 95 -14.90 18.09 -1.27
N TYR D 96 -15.36 17.51 -2.37
CA TYR D 96 -16.14 16.29 -2.34
C TYR D 96 -15.29 15.09 -2.73
N CYS D 97 -15.59 13.95 -2.13
CA CYS D 97 -15.06 12.67 -2.55
C CYS D 97 -16.20 11.85 -3.14
N ALA D 98 -15.97 11.27 -4.31
CA ALA D 98 -17.02 10.55 -5.02
C ALA D 98 -16.44 9.28 -5.62
N ARG D 99 -17.34 8.35 -5.97
CA ARG D 99 -16.96 7.11 -6.63
C ARG D 99 -17.34 7.22 -8.10
N TYR D 100 -16.33 7.26 -8.97
CA TYR D 100 -16.57 7.24 -10.40
C TYR D 100 -16.64 5.81 -10.89
N VAL D 101 -17.70 5.49 -11.63
CA VAL D 101 -17.91 4.17 -12.19
C VAL D 101 -17.56 4.23 -13.67
N ASP D 102 -16.72 3.29 -14.13
CA ASP D 102 -16.24 3.26 -15.51
C ASP D 102 -16.90 2.08 -16.23
N TYR D 103 -18.08 2.31 -16.76
CA TYR D 103 -18.75 1.39 -17.68
C TYR D 103 -18.94 2.09 -19.01
N VAL D 104 -19.22 1.31 -20.05
CA VAL D 104 -19.54 1.91 -21.34
C VAL D 104 -20.92 2.55 -21.32
N TRP D 105 -21.78 2.15 -20.39
CA TRP D 105 -23.11 2.72 -20.23
C TRP D 105 -23.25 3.59 -19.00
N LEU D 106 -22.16 3.78 -18.25
CA LEU D 106 -22.20 4.59 -17.02
C LEU D 106 -20.79 5.10 -16.77
N ARG D 107 -20.58 6.40 -16.98
CA ARG D 107 -19.33 7.08 -16.65
C ARG D 107 -19.70 8.30 -15.83
N ALA D 108 -19.87 8.10 -14.51
CA ALA D 108 -20.40 9.16 -13.67
C ALA D 108 -20.06 8.85 -12.22
N PHE D 109 -20.31 9.83 -11.35
CA PHE D 109 -20.15 9.68 -9.91
C PHE D 109 -21.51 9.27 -9.34
N ASP D 110 -21.65 7.99 -9.00
CA ASP D 110 -22.94 7.50 -8.51
C ASP D 110 -23.18 7.89 -7.06
N ILE D 111 -22.13 7.93 -6.23
CA ILE D 111 -22.26 8.29 -4.83
C ILE D 111 -21.21 9.34 -4.49
N TRP D 112 -21.64 10.39 -3.77
CA TRP D 112 -20.77 11.45 -3.32
C TRP D 112 -20.69 11.46 -1.79
N GLY D 113 -19.63 12.08 -1.28
CA GLY D 113 -19.51 12.30 0.14
C GLY D 113 -20.29 13.52 0.58
N GLN D 114 -20.23 13.80 1.89
CA GLN D 114 -20.94 14.96 2.42
C GLN D 114 -20.24 16.26 2.03
N GLY D 115 -18.91 16.25 1.91
CA GLY D 115 -18.17 17.43 1.53
C GLY D 115 -17.50 18.12 2.69
N THR D 116 -16.20 18.38 2.57
CA THR D 116 -15.46 19.13 3.58
C THR D 116 -15.13 20.51 3.04
N ARG D 117 -15.50 21.54 3.80
CA ARG D 117 -15.18 22.92 3.43
C ARG D 117 -13.76 23.23 3.85
N VAL D 118 -12.91 23.57 2.87
CA VAL D 118 -11.53 23.94 3.13
C VAL D 118 -11.32 25.36 2.62
N THR D 119 -10.87 26.24 3.50
CA THR D 119 -10.52 27.61 3.15
C THR D 119 -9.03 27.81 3.44
N VAL D 120 -8.33 28.43 2.49
CA VAL D 120 -6.93 28.76 2.69
C VAL D 120 -6.84 30.17 3.24
N SER D 121 -6.07 30.34 4.31
CA SER D 121 -5.96 31.61 4.99
C SER D 121 -4.77 31.59 5.92
N SER D 122 -4.19 32.77 6.14
CA SER D 122 -3.11 32.93 7.11
C SER D 122 -3.61 33.22 8.51
N ALA D 123 -4.91 33.49 8.66
CA ALA D 123 -5.47 33.79 9.98
C ALA D 123 -5.72 32.50 10.75
N SER D 124 -5.80 32.63 12.07
CA SER D 124 -5.97 31.50 12.95
C SER D 124 -7.44 31.17 13.14
N THR D 125 -7.70 29.93 13.57
CA THR D 125 -9.05 29.47 13.85
C THR D 125 -9.61 30.16 15.08
N LYS D 126 -10.88 30.55 15.02
CA LYS D 126 -11.56 31.12 16.17
C LYS D 126 -12.99 30.60 16.23
N GLY D 127 -13.41 30.17 17.43
CA GLY D 127 -14.73 29.63 17.62
C GLY D 127 -15.79 30.69 17.70
N PRO D 128 -17.06 30.25 17.60
CA PRO D 128 -18.18 31.19 17.54
C PRO D 128 -18.70 31.57 18.93
N SER D 129 -19.33 32.75 18.96
CA SER D 129 -20.09 33.21 20.11
C SER D 129 -21.57 33.20 19.75
N VAL D 130 -22.40 32.65 20.63
CA VAL D 130 -23.81 32.44 20.36
C VAL D 130 -24.62 33.31 21.31
N PHE D 131 -25.58 34.05 20.75
CA PHE D 131 -26.47 34.90 21.51
C PHE D 131 -27.91 34.62 21.09
N PRO D 132 -28.86 34.70 22.03
CA PRO D 132 -30.25 34.39 21.71
C PRO D 132 -30.93 35.54 20.99
N LEU D 133 -32.11 35.24 20.46
CA LEU D 133 -33.02 36.23 19.87
C LEU D 133 -34.39 35.97 20.45
N ALA D 134 -34.81 36.82 21.39
CA ALA D 134 -36.01 36.56 22.17
C ALA D 134 -37.25 36.54 21.28
N PRO D 135 -38.16 35.58 21.47
CA PRO D 135 -39.33 35.47 20.60
C PRO D 135 -40.44 36.43 21.01
N SER D 136 -40.91 37.24 20.05
CA SER D 136 -42.04 38.17 20.30
C SER D 136 -41.61 39.40 21.10
N SER D 137 -40.58 39.27 21.93
CA SER D 137 -40.08 40.44 22.71
C SER D 137 -41.21 41.07 23.51
N LYS D 138 -42.09 40.26 24.11
CA LYS D 138 -43.21 40.74 24.96
C LYS D 138 -44.40 41.21 24.12
N SER D 139 -44.31 41.12 22.80
CA SER D 139 -45.49 41.48 21.98
C SER D 139 -45.81 40.36 20.99
N THR D 140 -46.94 39.70 21.18
CA THR D 140 -47.36 38.65 20.22
C THR D 140 -48.51 39.21 19.36
N SER D 141 -48.34 39.25 18.05
CA SER D 141 -49.44 39.74 17.22
C SER D 141 -50.20 38.61 16.54
N GLY D 142 -49.50 37.75 15.79
CA GLY D 142 -50.13 36.65 15.10
C GLY D 142 -50.09 35.36 15.91
N GLY D 143 -50.63 34.31 15.29
CA GLY D 143 -50.64 33.00 15.90
C GLY D 143 -49.34 32.24 15.80
N THR D 144 -48.34 32.80 15.14
CA THR D 144 -47.03 32.16 14.97
C THR D 144 -45.96 33.12 15.47
N ALA D 145 -45.06 32.61 16.31
CA ALA D 145 -43.97 33.39 16.87
C ALA D 145 -42.64 32.91 16.31
N ALA D 146 -41.70 33.85 16.14
CA ALA D 146 -40.39 33.56 15.59
C ALA D 146 -39.31 33.76 16.65
N LEU D 147 -38.32 32.88 16.63
CA LEU D 147 -37.19 32.97 17.55
C LEU D 147 -35.94 32.47 16.83
N GLY D 148 -34.78 32.85 17.36
CA GLY D 148 -33.55 32.45 16.72
C GLY D 148 -32.35 32.68 17.60
N CYS D 149 -31.17 32.48 17.00
CA CYS D 149 -29.90 32.70 17.67
C CYS D 149 -28.93 33.31 16.67
N LEU D 150 -28.01 34.13 17.19
CA LEU D 150 -27.01 34.82 16.37
C LEU D 150 -25.65 34.21 16.64
N VAL D 151 -25.05 33.61 15.61
CA VAL D 151 -23.74 33.00 15.70
C VAL D 151 -22.74 33.99 15.11
N LYS D 152 -21.86 34.50 15.95
CA LYS D 152 -21.03 35.66 15.60
C LYS D 152 -19.57 35.39 15.86
N ASP D 153 -18.71 36.00 15.03
CA ASP D 153 -17.26 36.04 15.24
C ASP D 153 -16.66 34.63 15.29
N TYR D 154 -16.75 33.94 14.16
CA TYR D 154 -16.13 32.62 14.01
C TYR D 154 -15.38 32.57 12.69
N PHE D 155 -14.35 31.72 12.66
CA PHE D 155 -13.54 31.55 11.45
C PHE D 155 -12.80 30.23 11.53
N PRO D 156 -12.73 29.46 10.44
CA PRO D 156 -13.38 29.76 9.16
C PRO D 156 -14.74 29.08 9.02
N GLU D 157 -15.28 29.09 7.80
CA GLU D 157 -16.52 28.39 7.51
C GLU D 157 -16.29 26.88 7.58
N PRO D 158 -17.36 26.09 7.82
CA PRO D 158 -18.73 26.52 8.08
C PRO D 158 -19.16 26.34 9.53
N VAL D 159 -20.42 26.71 9.81
CA VAL D 159 -21.06 26.46 11.09
C VAL D 159 -22.40 25.79 10.83
N THR D 160 -22.67 24.70 11.53
CA THR D 160 -23.94 23.99 11.43
C THR D 160 -24.81 24.34 12.63
N VAL D 161 -26.06 24.68 12.37
CA VAL D 161 -27.02 25.02 13.42
C VAL D 161 -28.22 24.09 13.31
N SER D 162 -28.55 23.44 14.41
CA SER D 162 -29.77 22.64 14.52
C SER D 162 -30.55 23.08 15.74
N TRP D 163 -31.85 22.82 15.72
CA TRP D 163 -32.75 23.25 16.79
C TRP D 163 -33.34 22.03 17.47
N ASN D 164 -33.32 22.04 18.81
CA ASN D 164 -33.83 20.93 19.63
C ASN D 164 -33.14 19.61 19.28
N SER D 165 -31.83 19.68 19.04
CA SER D 165 -31.01 18.51 18.71
C SER D 165 -31.55 17.80 17.47
N GLY D 166 -32.01 18.58 16.49
CA GLY D 166 -32.54 18.03 15.26
C GLY D 166 -34.00 17.62 15.32
N ALA D 167 -34.65 17.72 16.48
CA ALA D 167 -36.05 17.36 16.58
C ALA D 167 -36.93 18.37 15.86
N LEU D 168 -36.58 19.65 15.93
CA LEU D 168 -37.33 20.72 15.27
C LEU D 168 -36.63 21.05 13.96
N THR D 169 -37.28 20.72 12.84
CA THR D 169 -36.70 20.92 11.52
C THR D 169 -37.63 21.61 10.54
N SER D 170 -38.83 21.98 10.95
CA SER D 170 -39.80 22.62 10.06
C SER D 170 -39.94 24.09 10.44
N GLY D 171 -39.93 24.96 9.43
CA GLY D 171 -39.91 26.39 9.64
C GLY D 171 -38.54 26.94 9.98
N VAL D 172 -37.51 26.11 9.98
CA VAL D 172 -36.16 26.52 10.34
C VAL D 172 -35.50 27.18 9.14
N HIS D 173 -34.89 28.35 9.36
CA HIS D 173 -34.17 29.07 8.32
C HIS D 173 -32.82 29.49 8.88
N THR D 174 -31.75 28.87 8.37
CA THR D 174 -30.38 29.26 8.71
C THR D 174 -29.82 30.04 7.54
N PHE D 175 -29.55 31.32 7.76
CA PHE D 175 -29.17 32.21 6.67
C PHE D 175 -27.68 32.05 6.34
N PRO D 176 -27.29 32.34 5.09
CA PRO D 176 -25.88 32.22 4.72
C PRO D 176 -25.01 33.13 5.57
N ALA D 177 -23.80 32.65 5.86
CA ALA D 177 -22.86 33.44 6.64
C ALA D 177 -22.41 34.67 5.84
N VAL D 178 -22.16 35.75 6.57
CA VAL D 178 -21.63 36.97 5.97
C VAL D 178 -20.30 37.31 6.65
N LEU D 179 -19.40 37.91 5.88
CA LEU D 179 -18.07 38.25 6.35
C LEU D 179 -18.07 39.71 6.80
N GLN D 180 -17.74 39.93 8.07
CA GLN D 180 -17.68 41.27 8.62
C GLN D 180 -16.32 41.90 8.33
N SER D 181 -16.21 43.20 8.67
CA SER D 181 -14.97 43.92 8.46
C SER D 181 -13.84 43.44 9.35
N SER D 182 -14.15 42.64 10.38
CA SER D 182 -13.14 42.11 11.28
C SER D 182 -12.49 40.82 10.77
N GLY D 183 -12.97 40.29 9.65
CA GLY D 183 -12.46 39.03 9.15
C GLY D 183 -13.09 37.80 9.77
N LEU D 184 -14.17 37.96 10.52
CA LEU D 184 -14.86 36.85 11.16
C LEU D 184 -16.28 36.75 10.65
N TYR D 185 -16.74 35.52 10.40
CA TYR D 185 -18.05 35.29 9.84
C TYR D 185 -19.13 35.41 10.90
N SER D 186 -20.38 35.53 10.44
CA SER D 186 -21.54 35.59 11.32
C SER D 186 -22.78 35.22 10.54
N LEU D 187 -23.75 34.62 11.23
CA LEU D 187 -25.02 34.26 10.61
C LEU D 187 -26.10 34.29 11.68
N SER D 188 -27.34 34.07 11.24
CA SER D 188 -28.50 33.94 12.11
C SER D 188 -29.32 32.74 11.67
N SER D 189 -29.78 31.95 12.64
CA SER D 189 -30.69 30.84 12.39
C SER D 189 -31.97 31.10 13.16
N VAL D 190 -33.11 31.11 12.46
CA VAL D 190 -34.40 31.41 13.06
C VAL D 190 -35.38 30.31 12.69
N VAL D 191 -36.44 30.19 13.50
CA VAL D 191 -37.49 29.21 13.26
C VAL D 191 -38.80 29.79 13.78
N THR D 192 -39.86 29.64 12.98
CA THR D 192 -41.18 30.12 13.36
C THR D 192 -42.00 29.00 13.98
N VAL D 193 -42.68 29.32 15.09
CA VAL D 193 -43.47 28.35 15.83
C VAL D 193 -44.76 29.01 16.30
N PRO D 194 -45.83 28.22 16.41
CA PRO D 194 -47.06 28.75 17.01
C PRO D 194 -46.82 29.45 18.35
N SER D 195 -47.57 30.54 18.57
CA SER D 195 -47.38 31.37 19.75
C SER D 195 -47.92 30.72 21.02
N SER D 196 -48.87 29.79 20.90
CA SER D 196 -49.37 29.08 22.07
C SER D 196 -48.36 28.10 22.64
N SER D 197 -47.27 27.86 21.93
CA SER D 197 -46.25 26.89 22.32
C SER D 197 -45.22 27.45 23.28
N LEU D 198 -45.21 28.75 23.51
CA LEU D 198 -44.18 29.35 24.33
C LEU D 198 -44.48 29.16 25.83
N GLY D 199 -43.45 28.76 26.59
CA GLY D 199 -43.62 28.41 27.98
C GLY D 199 -43.93 26.95 28.24
N THR D 200 -44.26 26.17 27.21
CA THR D 200 -44.46 24.74 27.35
C THR D 200 -43.39 23.90 26.67
N GLN D 201 -42.74 24.49 25.66
CA GLN D 201 -41.61 23.82 24.94
C GLN D 201 -40.36 24.67 25.11
N THR D 202 -39.20 24.02 25.21
CA THR D 202 -37.92 24.71 25.30
C THR D 202 -37.19 24.62 23.97
N TYR D 203 -36.73 25.76 23.47
CA TYR D 203 -36.02 25.83 22.20
C TYR D 203 -34.54 26.07 22.46
N ILE D 204 -33.71 25.11 22.08
CA ILE D 204 -32.27 25.18 22.25
C ILE D 204 -31.63 25.08 20.87
N CYS D 205 -30.71 26.01 20.59
CA CYS D 205 -29.96 25.99 19.34
C CYS D 205 -28.64 25.27 19.56
N ASN D 206 -28.32 24.37 18.64
CA ASN D 206 -27.08 23.59 18.70
C ASN D 206 -26.14 24.09 17.61
N VAL D 207 -25.02 24.66 18.01
CA VAL D 207 -24.05 25.24 17.10
C VAL D 207 -22.80 24.37 17.11
N ASN D 208 -22.38 23.92 15.93
CA ASN D 208 -21.18 23.11 15.77
C ASN D 208 -20.23 23.83 14.83
N HIS D 209 -18.98 23.98 15.26
CA HIS D 209 -17.92 24.58 14.46
C HIS D 209 -16.77 23.58 14.41
N LYS D 210 -16.79 22.71 13.39
CA LYS D 210 -15.74 21.70 13.28
C LYS D 210 -14.33 22.25 13.12
N PRO D 211 -14.08 23.42 12.50
CA PRO D 211 -12.68 23.90 12.47
C PRO D 211 -12.09 24.15 13.84
N SER D 212 -12.89 24.62 14.79
CA SER D 212 -12.42 24.84 16.16
C SER D 212 -12.84 23.73 17.12
N ASN D 213 -13.59 22.73 16.63
CA ASN D 213 -14.06 21.62 17.47
C ASN D 213 -14.85 22.13 18.67
N THR D 214 -15.65 23.18 18.46
CA THR D 214 -16.41 23.81 19.52
C THR D 214 -17.88 23.47 19.38
N LYS D 215 -18.49 23.02 20.47
CA LYS D 215 -19.91 22.75 20.55
C LYS D 215 -20.51 23.61 21.65
N VAL D 216 -21.55 24.37 21.32
CA VAL D 216 -22.20 25.28 22.26
C VAL D 216 -23.70 25.17 22.07
N ASP D 217 -24.44 25.06 23.17
CA ASP D 217 -25.90 24.98 23.16
C ASP D 217 -26.45 26.14 23.97
N LYS D 218 -27.31 26.94 23.34
CA LYS D 218 -27.94 28.09 24.00
C LYS D 218 -29.44 27.97 23.86
N LYS D 219 -30.14 28.10 24.99
CA LYS D 219 -31.60 28.09 24.97
C LYS D 219 -32.14 29.51 24.88
N VAL D 220 -33.27 29.66 24.21
CA VAL D 220 -33.90 30.95 24.00
C VAL D 220 -35.20 30.99 24.79
N GLU D 221 -35.40 32.07 25.54
CA GLU D 221 -36.56 32.21 26.41
C GLU D 221 -37.26 33.53 26.13
N PRO D 222 -38.58 33.60 26.37
CA PRO D 222 -39.34 34.85 26.19
C PRO D 222 -38.86 35.95 27.13
N MET E 1 -20.01 -21.53 -35.40
CA MET E 1 -18.61 -21.96 -35.44
C MET E 1 -18.16 -22.47 -34.06
N SER E 2 -17.02 -23.13 -34.04
CA SER E 2 -16.43 -23.56 -32.77
C SER E 2 -15.96 -22.36 -31.96
N CYS E 3 -15.94 -22.53 -30.65
CA CYS E 3 -15.61 -21.41 -29.75
C CYS E 3 -14.24 -20.83 -30.08
N GLU E 4 -13.26 -21.68 -30.36
CA GLU E 4 -11.93 -21.20 -30.68
C GLU E 4 -11.92 -20.37 -31.96
N ARG E 5 -12.80 -20.70 -32.91
CA ARG E 5 -12.83 -19.97 -34.17
C ARG E 5 -13.49 -18.61 -34.02
N GLN E 6 -14.53 -18.50 -33.18
CA GLN E 6 -15.20 -17.22 -32.98
C GLN E 6 -14.26 -16.19 -32.37
N VAL E 7 -13.44 -16.61 -31.41
CA VAL E 7 -12.51 -15.69 -30.76
C VAL E 7 -11.46 -15.20 -31.76
N ASP E 8 -10.97 -16.09 -32.62
CA ASP E 8 -9.95 -15.73 -33.60
C ASP E 8 -10.47 -14.70 -34.61
N ARG E 9 -11.79 -14.60 -34.79
CA ARG E 9 -12.32 -13.66 -35.76
C ARG E 9 -12.20 -12.22 -35.27
N VAL E 10 -12.44 -11.99 -33.99
CA VAL E 10 -12.49 -10.63 -33.44
C VAL E 10 -11.10 -10.19 -32.99
N ASN E 11 -10.92 -8.89 -32.87
CA ASN E 11 -9.66 -8.29 -32.43
C ASN E 11 -9.79 -7.91 -30.97
N LEU E 12 -9.14 -8.67 -30.10
CA LEU E 12 -9.25 -8.47 -28.65
C LEU E 12 -8.22 -7.49 -28.11
N LYS E 13 -7.38 -6.91 -28.96
CA LYS E 13 -6.37 -5.96 -28.49
C LYS E 13 -6.96 -4.80 -27.68
N PRO E 14 -8.07 -4.16 -28.08
CA PRO E 14 -8.65 -3.14 -27.19
C PRO E 14 -9.02 -3.68 -25.82
N CYS E 15 -9.51 -4.92 -25.74
CA CYS E 15 -9.81 -5.51 -24.45
C CYS E 15 -8.55 -5.74 -23.63
N GLU E 16 -7.49 -6.27 -24.26
CA GLU E 16 -6.24 -6.49 -23.55
C GLU E 16 -5.62 -5.16 -23.11
N GLN E 17 -5.64 -4.15 -23.98
CA GLN E 17 -5.06 -2.86 -23.63
C GLN E 17 -5.87 -2.15 -22.57
N HIS E 18 -7.20 -2.30 -22.58
CA HIS E 18 -8.03 -1.70 -21.55
C HIS E 18 -7.73 -2.30 -20.18
N ILE E 19 -7.60 -3.62 -20.10
CA ILE E 19 -7.33 -4.27 -18.83
C ILE E 19 -5.91 -3.96 -18.35
N MET E 20 -4.94 -3.96 -19.27
CA MET E 20 -3.56 -3.71 -18.88
C MET E 20 -3.35 -2.29 -18.38
N GLN E 21 -4.08 -1.32 -18.92
CA GLN E 21 -3.97 0.05 -18.45
C GLN E 21 -4.37 0.15 -16.98
N ARG E 22 -5.47 -0.50 -16.60
CA ARG E 22 -5.89 -0.48 -15.21
C ARG E 22 -4.91 -1.23 -14.31
N ILE E 23 -4.40 -2.36 -14.78
CA ILE E 23 -3.49 -3.17 -13.96
C ILE E 23 -2.19 -2.42 -13.71
N MET E 24 -1.61 -1.84 -14.77
CA MET E 24 -0.32 -1.16 -14.68
C MET E 24 -0.56 0.33 -14.55
N GLY E 25 -0.35 0.87 -13.35
CA GLY E 25 -0.54 2.28 -13.10
C GLY E 25 0.76 3.04 -12.90
N SER E 41 -9.32 5.03 -29.89
CA SER E 41 -9.43 6.12 -28.94
C SER E 41 -10.00 5.63 -27.61
N ASP E 42 -11.25 5.17 -27.64
CA ASP E 42 -11.91 4.61 -26.46
C ASP E 42 -11.75 3.10 -26.53
N GLN E 43 -10.79 2.57 -25.77
CA GLN E 43 -10.54 1.13 -25.78
C GLN E 43 -11.72 0.36 -25.20
N GLN E 44 -12.33 0.88 -24.14
CA GLN E 44 -13.43 0.18 -23.49
C GLN E 44 -14.61 0.00 -24.44
N GLN E 45 -14.99 1.07 -25.15
CA GLN E 45 -16.08 0.96 -26.11
C GLN E 45 -15.69 0.04 -27.28
N ARG E 46 -14.46 0.17 -27.78
CA ARG E 46 -14.02 -0.68 -28.87
C ARG E 46 -13.93 -2.13 -28.45
N CYS E 47 -13.58 -2.39 -27.18
CA CYS E 47 -13.54 -3.76 -26.69
C CYS E 47 -14.92 -4.41 -26.77
N CYS E 48 -15.94 -3.72 -26.26
CA CYS E 48 -17.31 -4.24 -26.38
C CYS E 48 -17.78 -4.24 -27.83
N ASP E 49 -17.33 -3.27 -28.62
CA ASP E 49 -17.65 -3.27 -30.04
C ASP E 49 -17.07 -4.50 -30.73
N GLU E 50 -15.82 -4.85 -30.41
CA GLU E 50 -15.23 -6.05 -30.98
C GLU E 50 -15.82 -7.32 -30.37
N LEU E 51 -16.21 -7.28 -29.09
CA LEU E 51 -16.88 -8.43 -28.50
C LEU E 51 -18.31 -8.58 -29.02
N ASN E 52 -18.87 -7.52 -29.60
CA ASN E 52 -20.22 -7.60 -30.16
C ASN E 52 -20.23 -8.31 -31.49
N GLU E 53 -19.10 -8.32 -32.19
CA GLU E 53 -19.01 -8.98 -33.49
C GLU E 53 -18.84 -10.49 -33.30
N MET E 54 -19.74 -11.11 -32.55
CA MET E 54 -19.71 -12.53 -32.29
C MET E 54 -21.08 -13.12 -32.58
N GLU E 55 -21.10 -14.42 -32.91
CA GLU E 55 -22.37 -15.09 -33.16
C GLU E 55 -23.24 -15.09 -31.91
N ASN E 56 -22.64 -15.30 -30.75
CA ASN E 56 -23.37 -15.25 -29.48
C ASN E 56 -22.40 -14.82 -28.38
N THR E 57 -22.82 -13.85 -27.57
CA THR E 57 -22.01 -13.42 -26.44
C THR E 57 -22.25 -14.30 -25.22
N GLN E 58 -23.51 -14.71 -25.00
CA GLN E 58 -23.83 -15.67 -23.95
C GLN E 58 -23.39 -17.05 -24.43
N GLY E 59 -22.11 -17.32 -24.23
CA GLY E 59 -21.47 -18.49 -24.82
C GLY E 59 -20.26 -18.07 -25.63
N CYS E 60 -19.18 -18.86 -25.57
CA CYS E 60 -17.92 -18.54 -26.21
C CYS E 60 -17.30 -17.27 -25.62
N MET E 61 -17.92 -16.72 -24.58
CA MET E 61 -17.36 -15.57 -23.89
C MET E 61 -16.22 -15.99 -22.97
N CYS E 62 -16.35 -17.16 -22.34
CA CYS E 62 -15.28 -17.64 -21.46
C CYS E 62 -14.00 -17.89 -22.25
N GLU E 63 -14.10 -18.48 -23.44
CA GLU E 63 -12.93 -18.69 -24.27
C GLU E 63 -12.31 -17.35 -24.67
N ALA E 64 -13.15 -16.35 -24.97
CA ALA E 64 -12.63 -15.02 -25.24
C ALA E 64 -11.92 -14.44 -24.03
N LEU E 65 -12.54 -14.57 -22.85
CA LEU E 65 -11.93 -14.03 -21.64
C LEU E 65 -10.60 -14.73 -21.34
N GLN E 66 -10.55 -16.05 -21.53
CA GLN E 66 -9.30 -16.78 -21.35
C GLN E 66 -8.25 -16.35 -22.37
N GLN E 67 -8.66 -16.14 -23.62
CA GLN E 67 -7.69 -15.77 -24.66
C GLN E 67 -7.13 -14.37 -24.44
N ILE E 68 -7.91 -13.47 -23.83
CA ILE E 68 -7.38 -12.15 -23.49
C ILE E 68 -6.21 -12.29 -22.52
N MET E 69 -6.37 -13.13 -21.50
CA MET E 69 -5.29 -13.37 -20.55
C MET E 69 -4.13 -14.12 -21.20
N GLU E 70 -4.43 -15.05 -22.11
CA GLU E 70 -3.38 -15.82 -22.76
C GLU E 70 -2.46 -14.91 -23.57
N ASN E 71 -3.03 -13.91 -24.26
CA ASN E 71 -2.24 -12.99 -25.07
C ASN E 71 -1.43 -12.01 -24.24
N GLN E 72 -1.66 -11.93 -22.93
CA GLN E 72 -0.95 -10.98 -22.07
C GLN E 72 -0.19 -11.66 -20.94
N CYS E 73 -0.08 -12.99 -20.96
CA CYS E 73 0.58 -13.69 -19.86
C CYS E 73 2.05 -13.31 -19.75
N ASP E 74 2.71 -13.11 -20.89
CA ASP E 74 4.12 -12.71 -20.88
C ASP E 74 4.34 -11.39 -20.17
N ARG E 75 3.31 -10.53 -20.10
CA ARG E 75 3.41 -9.26 -19.39
C ARG E 75 2.87 -9.33 -17.96
N LEU E 76 2.44 -10.51 -17.51
CA LEU E 76 2.02 -10.72 -16.13
C LEU E 76 3.18 -11.34 -15.35
N GLN E 77 3.67 -10.60 -14.35
CA GLN E 77 4.94 -10.95 -13.72
C GLN E 77 4.80 -11.94 -12.58
N ASP E 78 3.71 -11.91 -11.83
CA ASP E 78 3.54 -12.78 -10.67
C ASP E 78 2.05 -13.06 -10.47
N ARG E 79 1.74 -13.84 -9.43
CA ARG E 79 0.37 -14.24 -9.19
C ARG E 79 -0.50 -13.07 -8.72
N GLN E 80 0.11 -12.05 -8.10
CA GLN E 80 -0.66 -10.87 -7.73
C GLN E 80 -1.18 -10.15 -8.96
N MET E 81 -0.32 -9.99 -9.98
CA MET E 81 -0.78 -9.39 -11.23
C MET E 81 -1.81 -10.27 -11.93
N VAL E 82 -1.61 -11.59 -11.92
CA VAL E 82 -2.56 -12.50 -12.54
C VAL E 82 -3.91 -12.40 -11.85
N GLN E 83 -3.91 -12.36 -10.52
CA GLN E 83 -5.16 -12.25 -9.77
C GLN E 83 -5.89 -10.95 -10.11
N GLN E 84 -5.15 -9.85 -10.21
CA GLN E 84 -5.76 -8.57 -10.59
C GLN E 84 -6.30 -8.63 -12.02
N PHE E 85 -5.56 -9.29 -12.92
CA PHE E 85 -6.05 -9.45 -14.29
C PHE E 85 -7.34 -10.26 -14.33
N LYS E 86 -7.42 -11.32 -13.52
CA LYS E 86 -8.62 -12.14 -13.49
C LYS E 86 -9.83 -11.34 -13.02
N ARG E 87 -9.64 -10.47 -12.02
CA ARG E 87 -10.75 -9.67 -11.52
C ARG E 87 -11.31 -8.75 -12.60
N GLU E 88 -10.43 -8.12 -13.38
CA GLU E 88 -10.88 -7.27 -14.47
C GLU E 88 -11.62 -8.07 -15.53
N LEU E 89 -11.12 -9.26 -15.87
CA LEU E 89 -11.77 -10.09 -16.88
C LEU E 89 -13.18 -10.48 -16.45
N MET E 90 -13.35 -10.86 -15.18
CA MET E 90 -14.67 -11.25 -14.70
C MET E 90 -15.61 -10.06 -14.56
N SER E 91 -15.08 -8.84 -14.56
CA SER E 91 -15.89 -7.63 -14.53
C SER E 91 -16.12 -7.04 -15.92
N LEU E 92 -15.38 -7.49 -16.93
CA LEU E 92 -15.53 -6.95 -18.28
C LEU E 92 -16.94 -7.12 -18.84
N PRO E 93 -17.63 -8.27 -18.69
CA PRO E 93 -19.01 -8.36 -19.19
C PRO E 93 -19.93 -7.30 -18.61
N GLN E 94 -19.78 -6.98 -17.33
CA GLN E 94 -20.62 -5.93 -16.74
C GLN E 94 -20.25 -4.55 -17.28
N GLN E 95 -19.00 -4.37 -17.70
CA GLN E 95 -18.60 -3.09 -18.29
C GLN E 95 -19.31 -2.85 -19.62
N CYS E 96 -19.66 -3.91 -20.33
CA CYS E 96 -20.34 -3.80 -21.63
C CYS E 96 -21.84 -3.98 -21.51
N ASN E 97 -22.39 -4.01 -20.29
CA ASN E 97 -23.82 -4.29 -20.06
C ASN E 97 -24.20 -5.67 -20.57
N PHE E 98 -23.30 -6.64 -20.39
CA PHE E 98 -23.54 -8.02 -20.78
C PHE E 98 -23.91 -8.84 -19.55
N ARG E 99 -24.04 -10.14 -19.72
CA ARG E 99 -24.29 -11.07 -18.63
C ARG E 99 -23.06 -11.92 -18.38
N ALA E 100 -22.60 -11.94 -17.14
CA ALA E 100 -21.39 -12.68 -16.80
C ALA E 100 -21.64 -14.18 -16.88
N PRO E 101 -20.79 -14.94 -17.55
CA PRO E 101 -20.96 -16.39 -17.59
C PRO E 101 -20.68 -17.01 -16.23
N GLN E 102 -21.31 -18.17 -15.99
CA GLN E 102 -21.26 -18.82 -14.69
C GLN E 102 -20.34 -20.02 -14.64
N ARG E 103 -19.49 -20.21 -15.66
CA ARG E 103 -18.60 -21.37 -15.66
C ARG E 103 -17.18 -21.04 -16.10
N CYS E 104 -16.78 -19.77 -16.04
CA CYS E 104 -15.43 -19.38 -16.45
C CYS E 104 -14.41 -19.96 -15.48
N ASP E 105 -13.60 -20.89 -15.95
CA ASP E 105 -12.55 -21.48 -15.13
C ASP E 105 -11.22 -20.78 -15.43
N LEU E 106 -11.17 -19.51 -15.03
CA LEU E 106 -9.99 -18.69 -15.30
C LEU E 106 -8.83 -19.06 -14.40
N ASP E 107 -9.11 -19.61 -13.21
CA ASP E 107 -8.05 -19.94 -12.26
C ASP E 107 -7.13 -21.01 -12.82
N VAL E 108 -7.70 -22.08 -13.38
CA VAL E 108 -6.89 -23.15 -13.94
C VAL E 108 -6.15 -22.65 -15.18
N SER E 109 -6.85 -21.92 -16.06
CA SER E 109 -6.23 -21.45 -17.29
C SER E 109 -5.14 -20.41 -17.00
N GLY E 110 -5.30 -19.62 -15.94
CA GLY E 110 -4.29 -18.65 -15.58
C GLY E 110 -3.04 -19.23 -14.97
N GLY E 111 -3.07 -20.50 -14.55
CA GLY E 111 -1.91 -21.13 -13.96
C GLY E 111 -1.16 -22.05 -14.89
N ARG E 112 -1.68 -22.25 -16.10
CA ARG E 112 -1.05 -23.13 -17.08
C ARG E 112 -0.71 -22.40 -18.37
N CYS E 113 -0.88 -21.09 -18.43
CA CYS E 113 -0.57 -20.33 -19.64
C CYS E 113 0.93 -20.30 -19.89
#